data_7KJC
#
_entry.id   7KJC
#
_cell.length_a   121.639
_cell.length_b   54.587
_cell.length_c   135.538
_cell.angle_alpha   90.000
_cell.angle_beta   95.223
_cell.angle_gamma   90.000
#
_symmetry.space_group_name_H-M   'I 1 2 1'
#
loop_
_entity.id
_entity.type
_entity.pdbx_description
1 polymer 'Ephrin type-A receptor 2'
2 non-polymer 'PHOSPHOMETHYLPHOSPHONIC ACID ADENYLATE ESTER'
3 non-polymer 'MAGNESIUM ION'
4 non-polymer GLYCEROL
5 water water
#
_entity_poly.entity_id   1
_entity_poly.type   'polypeptide(L)'
_entity_poly.pdbx_seq_one_letter_code
;GPGDPHTYEDPNQAVLKFTTEIHPSCVTRQKVIGAGEFGEVYKGMLKTSSGKKEVPVAIKTLKAGYTEKQRVDFLGEAGI
MGQFSHHNIIRLEGVISKYKPMMIITEYMENGALDKFLREKDGEFSVLQLVGMLRGIAAGMKYLANMNYVHRDLAARNIL
VNSNLVCKVSDFGLSRVLEDDPEATYTTSGGKIPIRWTAPEAISYRKFTSASDVWSFGIVMWEVMTYGERPYWELSNHEV
MKAINDGFRLPTPMDCPSAIYQLMMQCWQQERARRPKFADIVSILDKLIRAPDSLKTLADFDPRVSIRLPSTSGEEGVPF
RTVSEWLESIKMQQYTEHFMAAGYTAIEKVVQMTNDDIKRIGVRLPGHQKRIAYSLLGLKDQVNTVGIPI
;
_entity_poly.pdbx_strand_id   A,B
#
# COMPACT_ATOMS: atom_id res chain seq x y z
N GLY A 1 -28.10 13.71 24.44
CA GLY A 1 -26.67 13.75 24.72
C GLY A 1 -25.89 12.66 24.01
N PRO A 2 -24.57 12.72 24.06
CA PRO A 2 -23.76 11.67 23.43
C PRO A 2 -24.05 10.30 24.05
N GLY A 3 -24.05 9.28 23.20
CA GLY A 3 -24.36 7.93 23.61
C GLY A 3 -25.84 7.62 23.59
N ASP A 4 -26.70 8.62 23.79
CA ASP A 4 -28.13 8.42 23.73
C ASP A 4 -28.58 8.19 22.29
N PRO A 5 -29.72 7.53 22.09
CA PRO A 5 -30.23 7.35 20.72
C PRO A 5 -30.53 8.68 20.04
N HIS A 6 -30.25 8.74 18.74
CA HIS A 6 -30.45 9.94 17.94
C HIS A 6 -31.46 9.68 16.84
N THR A 7 -32.00 10.77 16.29
CA THR A 7 -33.00 10.71 15.21
C THR A 7 -32.47 11.57 14.05
N TYR A 8 -31.61 10.97 13.23
CA TYR A 8 -31.00 11.67 12.11
C TYR A 8 -31.61 11.32 10.75
N GLU A 9 -32.48 10.31 10.70
CA GLU A 9 -33.06 9.84 9.44
C GLU A 9 -34.58 9.85 9.46
N ASP A 10 -35.18 10.77 10.22
CA ASP A 10 -36.63 10.95 10.22
C ASP A 10 -36.92 12.42 10.47
N PRO A 11 -37.03 13.22 9.41
CA PRO A 11 -37.13 14.68 9.61
C PRO A 11 -38.37 15.11 10.39
N ASN A 12 -39.55 14.62 10.01
CA ASN A 12 -40.76 15.06 10.68
C ASN A 12 -40.76 14.67 12.16
N GLN A 13 -40.32 13.46 12.47
CA GLN A 13 -40.26 13.04 13.87
C GLN A 13 -39.27 13.89 14.65
N ALA A 14 -38.14 14.21 14.05
CA ALA A 14 -37.15 15.06 14.71
C ALA A 14 -37.72 16.46 14.95
N VAL A 15 -38.49 16.97 13.98
CA VAL A 15 -39.13 18.28 14.18
C VAL A 15 -40.10 18.21 15.35
N LEU A 16 -40.91 17.16 15.40
CA LEU A 16 -41.87 17.03 16.49
C LEU A 16 -41.18 16.95 17.84
N LYS A 17 -40.08 16.20 17.92
CA LYS A 17 -39.50 15.86 19.21
C LYS A 17 -38.47 16.88 19.72
N PHE A 18 -37.74 17.55 18.82
CA PHE A 18 -36.58 18.32 19.24
C PHE A 18 -36.64 19.79 18.82
N THR A 19 -37.79 20.28 18.39
CA THR A 19 -37.95 21.71 18.10
C THR A 19 -39.15 22.24 18.88
N THR A 20 -39.11 23.54 19.17
CA THR A 20 -40.18 24.22 19.87
C THR A 20 -41.03 24.97 18.86
N GLU A 21 -42.32 24.63 18.79
CA GLU A 21 -43.24 25.34 17.92
C GLU A 21 -43.51 26.73 18.49
N ILE A 22 -43.15 27.76 17.75
CA ILE A 22 -43.22 29.14 18.20
C ILE A 22 -44.45 29.80 17.59
N HIS A 23 -45.14 30.60 18.39
CA HIS A 23 -46.33 31.30 17.90
C HIS A 23 -45.90 32.44 16.99
N PRO A 24 -46.51 32.61 15.82
CA PRO A 24 -46.08 33.67 14.91
C PRO A 24 -46.10 35.06 15.53
N SER A 25 -46.97 35.30 16.50
CA SER A 25 -47.07 36.63 17.10
C SER A 25 -45.85 37.00 17.92
N CYS A 26 -45.02 36.03 18.30
CA CYS A 26 -43.81 36.29 19.06
C CYS A 26 -42.62 36.65 18.19
N VAL A 27 -42.78 36.65 16.87
CA VAL A 27 -41.69 36.86 15.93
C VAL A 27 -41.87 38.21 15.26
N THR A 28 -40.79 38.98 15.19
CA THR A 28 -40.76 40.25 14.48
C THR A 28 -39.64 40.16 13.45
N ARG A 29 -40.03 40.17 12.17
CA ARG A 29 -39.08 40.14 11.06
C ARG A 29 -38.60 41.55 10.74
N GLN A 30 -37.29 41.73 10.68
CA GLN A 30 -36.72 43.04 10.43
C GLN A 30 -36.01 43.07 9.08
N LYS A 31 -34.70 43.36 9.07
CA LYS A 31 -33.99 43.49 7.81
C LYS A 31 -33.62 42.14 7.21
N VAL A 32 -33.47 42.13 5.88
CA VAL A 32 -32.97 40.97 5.15
C VAL A 32 -31.46 40.90 5.31
N ILE A 33 -30.96 39.73 5.74
CA ILE A 33 -29.54 39.54 5.97
C ILE A 33 -28.91 38.54 5.01
N GLY A 34 -29.70 37.82 4.22
CA GLY A 34 -29.12 36.89 3.26
C GLY A 34 -30.21 36.17 2.51
N ALA A 35 -29.77 35.39 1.53
CA ALA A 35 -30.65 34.57 0.71
C ALA A 35 -30.24 33.11 0.87
N GLY A 36 -31.14 32.30 1.42
CA GLY A 36 -30.90 30.88 1.53
C GLY A 36 -31.46 30.17 0.31
N GLU A 37 -31.32 28.84 0.33
CA GLU A 37 -31.85 28.08 -0.79
C GLU A 37 -33.38 28.07 -0.77
N PHE A 38 -33.97 27.86 0.40
CA PHE A 38 -35.41 27.68 0.49
C PHE A 38 -36.16 28.99 0.62
N GLY A 39 -35.46 30.09 0.83
CA GLY A 39 -36.10 31.38 0.93
C GLY A 39 -35.14 32.41 1.50
N GLU A 40 -35.69 33.59 1.77
CA GLU A 40 -34.89 34.67 2.32
C GLU A 40 -34.57 34.40 3.78
N VAL A 41 -33.53 35.07 4.28
CA VAL A 41 -33.15 35.03 5.67
C VAL A 41 -33.18 36.45 6.20
N TYR A 42 -33.81 36.62 7.36
CA TYR A 42 -34.03 37.92 7.97
C TYR A 42 -33.38 37.96 9.34
N LYS A 43 -33.04 39.17 9.78
CA LYS A 43 -32.76 39.42 11.18
C LYS A 43 -34.05 39.86 11.85
N GLY A 44 -34.25 39.43 13.09
CA GLY A 44 -35.47 39.81 13.78
C GLY A 44 -35.34 39.66 15.27
N MET A 45 -36.47 39.80 15.95
CA MET A 45 -36.55 39.66 17.40
C MET A 45 -37.58 38.60 17.75
N LEU A 46 -37.33 37.90 18.86
CA LEU A 46 -38.22 36.85 19.35
C LEU A 46 -38.55 37.13 20.81
N LYS A 47 -39.84 37.19 21.12
CA LYS A 47 -40.30 37.37 22.49
C LYS A 47 -40.52 36.00 23.12
N THR A 48 -39.85 35.76 24.25
CA THR A 48 -40.02 34.54 25.02
C THR A 48 -40.74 34.85 26.33
N SER A 49 -41.27 33.81 26.96
CA SER A 49 -42.02 33.97 28.19
C SER A 49 -41.13 33.76 29.42
N LYS A 53 -38.52 39.17 27.75
CA LYS A 53 -37.59 40.01 27.02
C LYS A 53 -37.35 39.51 25.60
N GLU A 54 -37.24 40.44 24.66
CA GLU A 54 -36.95 40.09 23.28
C GLU A 54 -35.47 39.72 23.12
N VAL A 55 -35.22 38.72 22.29
CA VAL A 55 -33.85 38.29 21.97
C VAL A 55 -33.64 38.43 20.48
N PRO A 56 -32.49 38.93 20.02
CA PRO A 56 -32.22 38.95 18.57
C PRO A 56 -32.05 37.55 18.03
N VAL A 57 -32.53 37.33 16.80
CA VAL A 57 -32.53 36.02 16.18
C VAL A 57 -32.36 36.15 14.67
N ALA A 58 -31.95 35.03 14.06
CA ALA A 58 -31.98 34.86 12.62
C ALA A 58 -33.20 34.03 12.25
N ILE A 59 -33.83 34.40 11.14
CA ILE A 59 -35.13 33.88 10.72
C ILE A 59 -34.98 33.37 9.29
N LYS A 60 -34.95 32.05 9.13
CA LYS A 60 -34.90 31.44 7.80
C LYS A 60 -36.33 31.10 7.40
N THR A 61 -36.75 31.58 6.23
CA THR A 61 -38.11 31.40 5.76
C THR A 61 -38.12 30.47 4.54
N LEU A 62 -39.26 29.85 4.32
CA LEU A 62 -39.49 28.99 3.16
C LEU A 62 -40.25 29.77 2.10
N LYS A 63 -39.73 29.77 0.88
CA LYS A 63 -40.35 30.52 -0.20
C LYS A 63 -41.79 30.07 -0.43
N ALA A 64 -42.62 31.01 -0.88
CA ALA A 64 -44.00 30.66 -1.21
C ALA A 64 -44.03 29.76 -2.45
N GLY A 65 -45.13 29.02 -2.59
CA GLY A 65 -45.22 28.08 -3.68
C GLY A 65 -44.32 26.88 -3.53
N TYR A 66 -43.94 26.55 -2.30
CA TYR A 66 -43.05 25.42 -2.06
C TYR A 66 -43.79 24.10 -2.25
N THR A 67 -43.02 23.06 -2.55
CA THR A 67 -43.53 21.70 -2.54
C THR A 67 -43.39 21.10 -1.14
N GLU A 68 -44.21 20.08 -0.87
CA GLU A 68 -44.13 19.44 0.44
C GLU A 68 -42.77 18.81 0.68
N LYS A 69 -42.12 18.33 -0.39
CA LYS A 69 -40.76 17.80 -0.25
C LYS A 69 -39.81 18.88 0.23
N GLN A 70 -39.91 20.09 -0.35
CA GLN A 70 -39.06 21.19 0.10
C GLN A 70 -39.38 21.57 1.53
N ARG A 71 -40.65 21.55 1.91
CA ARG A 71 -41.03 21.85 3.29
C ARG A 71 -40.40 20.86 4.26
N VAL A 72 -40.48 19.56 3.93
CA VAL A 72 -39.91 18.52 4.78
C VAL A 72 -38.40 18.70 4.90
N ASP A 73 -37.72 18.92 3.76
CA ASP A 73 -36.27 19.08 3.81
C ASP A 73 -35.88 20.34 4.57
N PHE A 74 -36.68 21.41 4.44
CA PHE A 74 -36.39 22.65 5.14
C PHE A 74 -36.48 22.46 6.65
N LEU A 75 -37.62 21.97 7.13
CA LEU A 75 -37.80 21.82 8.58
C LEU A 75 -36.93 20.70 9.16
N GLY A 76 -36.52 19.73 8.34
CA GLY A 76 -35.66 18.66 8.86
C GLY A 76 -34.34 19.18 9.39
N GLU A 77 -33.83 20.26 8.79
CA GLU A 77 -32.61 20.86 9.32
C GLU A 77 -32.81 21.27 10.77
N ALA A 78 -33.95 21.89 11.09
CA ALA A 78 -34.21 22.24 12.48
C ALA A 78 -34.39 21.00 13.33
N GLY A 79 -35.03 19.97 12.77
CA GLY A 79 -35.16 18.72 13.50
C GLY A 79 -33.82 18.15 13.92
N ILE A 80 -32.80 18.30 13.07
CA ILE A 80 -31.46 17.86 13.42
C ILE A 80 -30.80 18.83 14.39
N MET A 81 -30.92 20.13 14.11
CA MET A 81 -30.25 21.14 14.92
CA MET A 81 -30.25 21.15 14.92
C MET A 81 -30.70 21.08 16.37
N GLY A 82 -31.98 20.77 16.60
CA GLY A 82 -32.52 20.76 17.95
C GLY A 82 -31.95 19.69 18.85
N GLN A 83 -31.30 18.67 18.28
CA GLN A 83 -30.69 17.63 19.08
C GLN A 83 -29.30 18.00 19.59
N PHE A 84 -28.74 19.13 19.16
CA PHE A 84 -27.38 19.53 19.50
C PHE A 84 -27.40 20.65 20.52
N SER A 85 -26.42 20.63 21.42
CA SER A 85 -26.25 21.70 22.40
C SER A 85 -24.75 21.86 22.65
N HIS A 86 -24.14 22.85 22.00
CA HIS A 86 -22.70 23.06 22.12
C HIS A 86 -22.36 24.49 21.74
N HIS A 87 -21.29 25.01 22.37
CA HIS A 87 -20.89 26.39 22.19
C HIS A 87 -20.62 26.73 20.73
N ASN A 88 -20.10 25.77 19.96
CA ASN A 88 -19.69 26.00 18.58
C ASN A 88 -20.62 25.33 17.58
N ILE A 89 -21.88 25.14 17.97
CA ILE A 89 -22.92 24.63 17.07
C ILE A 89 -24.08 25.62 17.10
N ILE A 90 -24.53 26.04 15.92
CA ILE A 90 -25.61 27.02 15.83
C ILE A 90 -26.79 26.56 16.68
N ARG A 91 -27.29 27.45 17.53
CA ARG A 91 -28.35 27.12 18.46
C ARG A 91 -29.71 27.39 17.84
N LEU A 92 -30.63 26.44 17.99
CA LEU A 92 -31.99 26.58 17.50
C LEU A 92 -32.88 27.19 18.58
N GLU A 93 -33.62 28.25 18.22
CA GLU A 93 -34.66 28.78 19.08
C GLU A 93 -35.98 28.04 18.87
N GLY A 94 -36.34 27.79 17.62
CA GLY A 94 -37.58 27.08 17.37
C GLY A 94 -37.95 27.09 15.90
N VAL A 95 -39.17 26.61 15.63
CA VAL A 95 -39.68 26.57 14.28
C VAL A 95 -41.13 27.07 14.28
N ILE A 96 -41.60 27.39 13.07
CA ILE A 96 -43.01 27.64 12.80
C ILE A 96 -43.36 26.71 11.65
N SER A 97 -44.17 25.68 11.94
CA SER A 97 -44.64 24.73 10.95
C SER A 97 -46.15 24.77 10.74
N LYS A 98 -46.92 25.33 11.67
CA LYS A 98 -48.37 25.32 11.56
C LYS A 98 -48.91 26.43 10.66
N TYR A 99 -48.16 27.51 10.47
CA TYR A 99 -48.64 28.66 9.72
C TYR A 99 -47.62 29.07 8.67
N LYS A 100 -48.12 29.60 7.56
CA LYS A 100 -47.24 30.08 6.51
C LYS A 100 -46.79 31.50 6.82
N PRO A 101 -45.52 31.85 6.54
CA PRO A 101 -44.52 30.95 5.96
C PRO A 101 -43.81 30.08 7.00
N MET A 102 -43.28 28.93 6.56
CA MET A 102 -42.50 28.10 7.46
C MET A 102 -41.27 28.86 7.92
N MET A 103 -40.88 28.67 9.18
CA MET A 103 -39.76 29.43 9.72
C MET A 103 -38.87 28.57 10.58
N ILE A 104 -37.57 28.81 10.48
CA ILE A 104 -36.57 28.28 11.38
C ILE A 104 -35.92 29.48 12.07
N ILE A 105 -35.98 29.52 13.40
CA ILE A 105 -35.48 30.64 14.18
C ILE A 105 -34.30 30.14 14.99
N THR A 106 -33.14 30.77 14.76
CA THR A 106 -31.88 30.41 15.39
C THR A 106 -31.27 31.65 16.02
N GLU A 107 -30.16 31.45 16.74
CA GLU A 107 -29.42 32.57 17.31
C GLU A 107 -28.84 33.43 16.18
N TYR A 108 -28.70 34.73 16.46
CA TYR A 108 -28.24 35.67 15.46
C TYR A 108 -26.71 35.70 15.43
N MET A 109 -26.16 35.52 14.24
CA MET A 109 -24.71 35.52 14.01
C MET A 109 -24.38 36.76 13.18
N GLU A 110 -23.99 37.84 13.86
CA GLU A 110 -23.94 39.16 13.23
C GLU A 110 -22.95 39.21 12.07
N ASN A 111 -21.82 38.52 12.19
CA ASN A 111 -20.76 38.60 11.19
C ASN A 111 -20.94 37.61 10.05
N GLY A 112 -21.98 36.79 10.07
CA GLY A 112 -22.31 35.98 8.91
C GLY A 112 -21.31 34.87 8.61
N ALA A 113 -21.25 34.50 7.33
CA ALA A 113 -20.44 33.37 6.90
C ALA A 113 -18.95 33.66 7.07
N LEU A 114 -18.20 32.63 7.46
CA LEU A 114 -16.80 32.81 7.82
C LEU A 114 -15.95 33.20 6.62
N ASP A 115 -16.19 32.61 5.45
CA ASP A 115 -15.36 32.92 4.29
C ASP A 115 -15.56 34.38 3.86
N LYS A 116 -16.83 34.80 3.76
CA LYS A 116 -17.12 36.19 3.41
C LYS A 116 -16.57 37.13 4.47
N PHE A 117 -16.68 36.74 5.75
CA PHE A 117 -16.20 37.60 6.82
C PHE A 117 -14.68 37.78 6.74
N LEU A 118 -13.95 36.69 6.52
CA LEU A 118 -12.50 36.78 6.43
C LEU A 118 -12.06 37.56 5.20
N ARG A 119 -12.79 37.44 4.10
CA ARG A 119 -12.46 38.26 2.93
C ARG A 119 -12.75 39.73 3.20
N GLU A 120 -13.80 40.02 3.98
CA GLU A 120 -14.08 41.40 4.35
C GLU A 120 -12.97 41.97 5.24
N LYS A 121 -12.44 41.15 6.15
CA LYS A 121 -11.43 41.60 7.12
C LYS A 121 -10.04 41.11 6.74
N ASP A 122 -9.71 41.14 5.46
CA ASP A 122 -8.46 40.58 4.95
C ASP A 122 -7.25 41.12 5.69
N GLY A 123 -6.54 40.22 6.36
CA GLY A 123 -5.29 40.56 7.01
C GLY A 123 -5.39 41.33 8.31
N GLU A 124 -6.58 41.43 8.90
CA GLU A 124 -6.78 42.28 10.06
C GLU A 124 -6.71 41.52 11.38
N PHE A 125 -6.42 40.23 11.35
CA PHE A 125 -6.33 39.42 12.55
C PHE A 125 -4.92 38.85 12.70
N SER A 126 -4.60 38.43 13.92
CA SER A 126 -3.33 37.77 14.17
C SER A 126 -3.45 36.29 13.85
N VAL A 127 -2.30 35.65 13.65
CA VAL A 127 -2.28 34.21 13.40
C VAL A 127 -2.91 33.47 14.57
N LEU A 128 -2.64 33.90 15.79
CA LEU A 128 -3.18 33.21 16.97
C LEU A 128 -4.71 33.27 16.97
N GLN A 129 -5.28 34.40 16.55
CA GLN A 129 -6.73 34.52 16.50
C GLN A 129 -7.33 33.59 15.45
N LEU A 130 -6.69 33.48 14.29
CA LEU A 130 -7.15 32.54 13.27
C LEU A 130 -7.10 31.11 13.81
N VAL A 131 -6.02 30.76 14.52
CA VAL A 131 -5.90 29.43 15.10
C VAL A 131 -7.00 29.21 16.13
N GLY A 132 -7.38 30.25 16.87
CA GLY A 132 -8.47 30.13 17.82
C GLY A 132 -9.81 29.87 17.12
N MET A 133 -10.04 30.54 16.01
CA MET A 133 -11.23 30.26 15.21
C MET A 133 -11.26 28.80 14.78
N LEU A 134 -10.12 28.31 14.27
CA LEU A 134 -10.05 26.91 13.87
C LEU A 134 -10.29 25.98 15.06
N ARG A 135 -9.79 26.36 16.24
CA ARG A 135 -9.99 25.52 17.42
C ARG A 135 -11.47 25.43 17.77
N GLY A 136 -12.19 26.56 17.68
CA GLY A 136 -13.62 26.53 17.92
C GLY A 136 -14.36 25.63 16.95
N ILE A 137 -14.04 25.78 15.65
CA ILE A 137 -14.68 24.91 14.65
C ILE A 137 -14.37 23.45 14.96
N ALA A 138 -13.12 23.15 15.33
CA ALA A 138 -12.74 21.77 15.62
C ALA A 138 -13.48 21.24 16.82
N ALA A 139 -13.72 22.09 17.84
CA ALA A 139 -14.48 21.65 19.00
C ALA A 139 -15.91 21.32 18.62
N GLY A 140 -16.53 22.15 17.79
CA GLY A 140 -17.86 21.83 17.31
C GLY A 140 -17.90 20.52 16.55
N MET A 141 -16.91 20.29 15.69
CA MET A 141 -16.86 19.05 14.93
C MET A 141 -16.59 17.85 15.84
N LYS A 142 -15.80 18.02 16.89
CA LYS A 142 -15.58 16.97 17.86
C LYS A 142 -16.88 16.59 18.54
N TYR A 143 -17.67 17.60 18.94
CA TYR A 143 -18.99 17.32 19.50
C TYR A 143 -19.85 16.54 18.51
N LEU A 144 -19.88 16.99 17.25
CA LEU A 144 -20.70 16.30 16.26
C LEU A 144 -20.26 14.86 16.08
N ALA A 145 -18.95 14.61 15.99
CA ALA A 145 -18.47 13.25 15.86
C ALA A 145 -18.86 12.41 17.07
N ASN A 146 -18.79 13.00 18.26
CA ASN A 146 -19.21 12.28 19.47
C ASN A 146 -20.70 12.00 19.47
N MET A 147 -21.49 12.80 18.74
CA MET A 147 -22.91 12.55 18.54
C MET A 147 -23.18 11.64 17.34
N ASN A 148 -22.14 11.06 16.74
CA ASN A 148 -22.29 10.16 15.60
C ASN A 148 -23.01 10.83 14.44
N TYR A 149 -22.76 12.12 14.25
CA TYR A 149 -23.31 12.87 13.12
C TYR A 149 -22.20 13.24 12.15
N VAL A 150 -22.35 12.82 10.91
CA VAL A 150 -21.41 13.16 9.83
C VAL A 150 -21.98 14.35 9.08
N HIS A 151 -21.19 15.42 8.97
CA HIS A 151 -21.68 16.66 8.38
C HIS A 151 -21.77 16.56 6.86
N ARG A 152 -20.71 16.06 6.20
CA ARG A 152 -20.66 15.80 4.79
C ARG A 152 -20.49 17.10 3.97
N ASP A 153 -20.63 18.27 4.56
CA ASP A 153 -20.57 19.52 3.83
C ASP A 153 -19.85 20.58 4.65
N LEU A 154 -18.78 20.19 5.33
CA LEU A 154 -18.02 21.14 6.15
C LEU A 154 -17.22 22.07 5.25
N ALA A 155 -17.44 23.37 5.41
CA ALA A 155 -16.75 24.38 4.61
C ALA A 155 -16.92 25.73 5.29
N ALA A 156 -15.99 26.65 5.00
CA ALA A 156 -16.02 27.96 5.66
C ALA A 156 -17.33 28.68 5.40
N ARG A 157 -17.95 28.49 4.23
CA ARG A 157 -19.22 29.13 3.93
C ARG A 157 -20.34 28.64 4.84
N ASN A 158 -20.17 27.46 5.46
CA ASN A 158 -21.16 26.90 6.37
C ASN A 158 -20.79 27.09 7.83
N ILE A 159 -19.85 27.98 8.12
CA ILE A 159 -19.47 28.35 9.47
CA ILE A 159 -19.48 28.35 9.48
C ILE A 159 -19.91 29.79 9.69
N LEU A 160 -20.66 30.02 10.77
CA LEU A 160 -21.18 31.34 11.09
C LEU A 160 -20.39 31.97 12.23
N VAL A 161 -20.32 33.30 12.22
CA VAL A 161 -19.54 34.07 13.18
C VAL A 161 -20.44 35.13 13.81
N ASN A 162 -20.43 35.21 15.14
CA ASN A 162 -21.26 36.18 15.86
C ASN A 162 -20.44 37.42 16.18
N SER A 163 -21.04 38.35 16.93
CA SER A 163 -20.40 39.62 17.22
C SER A 163 -19.16 39.48 18.09
N ASN A 164 -19.04 38.39 18.85
CA ASN A 164 -17.85 38.13 19.65
C ASN A 164 -16.86 37.21 18.93
N LEU A 165 -17.04 37.01 17.62
CA LEU A 165 -16.13 36.23 16.79
C LEU A 165 -16.09 34.75 17.15
N VAL A 166 -17.16 34.24 17.76
CA VAL A 166 -17.28 32.81 18.01
C VAL A 166 -17.74 32.15 16.72
N CYS A 167 -17.03 31.11 16.31
CA CYS A 167 -17.34 30.39 15.08
C CYS A 167 -18.15 29.14 15.41
N LYS A 168 -19.25 28.95 14.70
CA LYS A 168 -20.17 27.85 14.95
C LYS A 168 -20.51 27.14 13.65
N VAL A 169 -20.61 25.81 13.73
CA VAL A 169 -20.99 25.01 12.58
C VAL A 169 -22.48 25.13 12.36
N SER A 170 -22.89 25.22 11.08
CA SER A 170 -24.29 25.28 10.71
C SER A 170 -24.49 24.38 9.50
N ASP A 171 -25.69 24.47 8.90
CA ASP A 171 -26.03 23.72 7.69
C ASP A 171 -26.19 22.23 7.99
N PHE A 172 -27.37 21.84 8.46
CA PHE A 172 -27.67 20.45 8.79
C PHE A 172 -28.82 19.94 7.94
N GLY A 173 -28.97 18.63 7.90
CA GLY A 173 -29.99 18.00 7.09
C GLY A 173 -29.50 16.67 6.56
N LEU A 174 -30.20 16.18 5.52
CA LEU A 174 -29.91 14.89 4.94
C LEU A 174 -29.50 15.00 3.47
N SER A 175 -30.47 14.90 2.56
CA SER A 175 -30.20 14.94 1.13
C SER A 175 -29.82 16.36 0.72
N ARG A 176 -28.57 16.72 0.99
CA ARG A 176 -28.09 18.08 0.75
C ARG A 176 -27.26 18.12 -0.54
N VAL A 177 -27.96 17.86 -1.65
CA VAL A 177 -27.45 18.10 -2.97
C VAL A 177 -27.80 19.49 -3.43
N LEU A 178 -28.40 20.26 -2.52
CA LEU A 178 -29.00 21.53 -2.87
C LEU A 178 -27.95 22.61 -3.05
N GLU A 179 -26.90 22.58 -2.23
CA GLU A 179 -25.86 23.60 -2.31
C GLU A 179 -25.35 23.73 -3.73
N ASP A 180 -25.03 24.97 -4.13
CA ASP A 180 -24.66 25.25 -5.52
C ASP A 180 -23.24 24.81 -5.87
N ASP A 181 -22.34 24.71 -4.90
CA ASP A 181 -20.96 24.35 -5.19
C ASP A 181 -20.86 22.87 -5.56
N PRO A 182 -21.56 21.97 -4.86
CA PRO A 182 -21.55 20.56 -5.27
C PRO A 182 -21.86 20.38 -6.75
N GLU A 183 -21.12 19.47 -7.38
CA GLU A 183 -21.35 19.09 -8.77
C GLU A 183 -21.47 17.57 -8.85
N ALA A 184 -22.27 17.09 -9.80
CA ALA A 184 -22.54 15.67 -9.92
C ALA A 184 -21.28 14.91 -10.33
N THR A 185 -21.23 13.63 -9.94
CA THR A 185 -20.11 12.75 -10.27
C THR A 185 -20.46 11.33 -9.86
N TYR A 186 -19.98 10.38 -10.65
CA TYR A 186 -20.10 8.95 -10.33
C TYR A 186 -21.50 8.59 -9.83
N LYS A 192 -23.68 14.28 -6.58
CA LYS A 192 -23.56 15.73 -6.37
C LYS A 192 -22.91 16.02 -5.02
N ILE A 193 -21.66 16.45 -5.05
CA ILE A 193 -20.87 16.67 -3.84
C ILE A 193 -19.94 17.85 -4.03
N PRO A 194 -19.64 18.62 -2.99
CA PRO A 194 -18.65 19.71 -3.11
C PRO A 194 -17.24 19.14 -3.21
N ILE A 195 -16.78 18.86 -4.43
CA ILE A 195 -15.58 18.04 -4.59
C ILE A 195 -14.37 18.72 -3.97
N ARG A 196 -14.30 20.05 -4.00
CA ARG A 196 -13.13 20.74 -3.47
C ARG A 196 -13.02 20.59 -1.96
N TRP A 197 -14.07 20.14 -1.29
CA TRP A 197 -14.05 19.94 0.15
C TRP A 197 -14.23 18.48 0.56
N THR A 198 -14.39 17.56 -0.39
CA THR A 198 -14.78 16.18 -0.09
C THR A 198 -13.58 15.24 -0.21
N ALA A 199 -13.50 14.30 0.73
CA ALA A 199 -12.40 13.35 0.76
C ALA A 199 -12.45 12.43 -0.46
N PRO A 200 -11.31 11.86 -0.84
CA PRO A 200 -11.29 11.00 -2.04
C PRO A 200 -12.24 9.82 -1.96
N GLU A 201 -12.22 9.07 -0.84
CA GLU A 201 -13.06 7.89 -0.75
C GLU A 201 -14.55 8.24 -0.75
N ALA A 202 -14.89 9.46 -0.32
CA ALA A 202 -16.28 9.89 -0.35
C ALA A 202 -16.71 10.30 -1.75
N ILE A 203 -15.78 10.77 -2.58
CA ILE A 203 -16.10 11.08 -3.97
C ILE A 203 -16.20 9.80 -4.79
N SER A 204 -15.25 8.88 -4.58
CA SER A 204 -15.25 7.65 -5.37
C SER A 204 -16.37 6.71 -4.93
N TYR A 205 -16.43 6.40 -3.64
CA TYR A 205 -17.30 5.35 -3.13
C TYR A 205 -18.45 5.88 -2.27
N ARG A 206 -18.56 7.19 -2.10
CA ARG A 206 -19.60 7.79 -1.26
C ARG A 206 -19.52 7.27 0.18
N LYS A 207 -18.30 7.06 0.66
CA LYS A 207 -18.07 6.64 2.05
C LYS A 207 -17.88 7.91 2.89
N PHE A 208 -18.97 8.41 3.44
CA PHE A 208 -18.96 9.61 4.27
C PHE A 208 -18.87 9.20 5.73
N THR A 209 -17.77 9.57 6.38
CA THR A 209 -17.54 9.31 7.79
C THR A 209 -17.02 10.59 8.44
N SER A 210 -16.74 10.52 9.74
CA SER A 210 -16.10 11.64 10.41
C SER A 210 -14.70 11.89 9.88
N ALA A 211 -14.04 10.88 9.30
CA ALA A 211 -12.71 11.10 8.72
C ALA A 211 -12.79 11.93 7.45
N SER A 212 -13.83 11.74 6.64
CA SER A 212 -14.04 12.62 5.50
C SER A 212 -14.37 14.03 5.97
N ASP A 213 -15.07 14.16 7.10
CA ASP A 213 -15.25 15.48 7.71
C ASP A 213 -13.92 16.08 8.13
N VAL A 214 -12.98 15.24 8.59
CA VAL A 214 -11.65 15.74 8.95
C VAL A 214 -10.93 16.27 7.72
N TRP A 215 -11.04 15.56 6.59
CA TRP A 215 -10.52 16.09 5.33
C TRP A 215 -11.10 17.47 5.04
N SER A 216 -12.42 17.58 5.10
CA SER A 216 -13.07 18.87 4.87
C SER A 216 -12.55 19.92 5.85
N PHE A 217 -12.26 19.51 7.08
CA PHE A 217 -11.75 20.46 8.07
C PHE A 217 -10.37 20.95 7.68
N GLY A 218 -9.52 20.07 7.14
CA GLY A 218 -8.25 20.53 6.60
C GLY A 218 -8.44 21.58 5.54
N ILE A 219 -9.42 21.37 4.65
CA ILE A 219 -9.71 22.39 3.64
C ILE A 219 -10.15 23.68 4.31
N VAL A 220 -10.93 23.57 5.39
CA VAL A 220 -11.39 24.76 6.12
C VAL A 220 -10.20 25.50 6.74
N MET A 221 -9.23 24.75 7.27
CA MET A 221 -8.01 25.36 7.79
C MET A 221 -7.33 26.17 6.71
N TRP A 222 -7.21 25.59 5.52
CA TRP A 222 -6.63 26.32 4.40
C TRP A 222 -7.42 27.59 4.11
N GLU A 223 -8.76 27.49 4.09
CA GLU A 223 -9.58 28.66 3.83
C GLU A 223 -9.33 29.76 4.85
N VAL A 224 -9.22 29.38 6.13
CA VAL A 224 -9.06 30.37 7.18
C VAL A 224 -7.70 31.04 7.10
N MET A 225 -6.64 30.25 6.89
CA MET A 225 -5.31 30.85 6.89
C MET A 225 -5.07 31.71 5.64
N THR A 226 -5.84 31.51 4.58
CA THR A 226 -5.75 32.33 3.38
C THR A 226 -6.74 33.49 3.37
N TYR A 227 -7.54 33.66 4.43
CA TYR A 227 -8.56 34.69 4.50
C TYR A 227 -9.57 34.52 3.36
N GLY A 228 -10.05 33.29 3.19
CA GLY A 228 -11.14 33.06 2.27
C GLY A 228 -10.77 32.88 0.82
N GLU A 229 -9.57 32.37 0.54
CA GLU A 229 -9.23 32.02 -0.84
C GLU A 229 -9.96 30.75 -1.25
N ARG A 230 -10.36 30.69 -2.52
CA ARG A 230 -11.10 29.54 -3.02
C ARG A 230 -10.14 28.38 -3.26
N PRO A 231 -10.37 27.21 -2.68
CA PRO A 231 -9.44 26.09 -2.88
C PRO A 231 -9.37 25.68 -4.33
N TYR A 232 -8.15 25.40 -4.80
CA TYR A 232 -7.89 24.95 -6.16
C TYR A 232 -8.48 25.91 -7.19
N TRP A 233 -8.52 27.21 -6.89
CA TRP A 233 -9.23 28.15 -7.76
C TRP A 233 -8.64 28.17 -9.16
N GLU A 234 -7.36 27.84 -9.30
CA GLU A 234 -6.75 27.80 -10.62
C GLU A 234 -7.21 26.62 -11.45
N LEU A 235 -7.84 25.62 -10.83
CA LEU A 235 -8.14 24.35 -11.46
C LEU A 235 -9.64 24.22 -11.71
N SER A 236 -9.99 23.50 -12.77
CA SER A 236 -11.37 23.11 -12.99
C SER A 236 -11.72 21.92 -12.09
N ASN A 237 -13.03 21.62 -12.03
CA ASN A 237 -13.48 20.52 -11.18
C ASN A 237 -12.88 19.20 -11.64
N HIS A 238 -12.78 19.00 -12.95
CA HIS A 238 -12.14 17.79 -13.47
C HIS A 238 -10.68 17.71 -13.05
N GLU A 239 -9.98 18.84 -13.14
CA GLU A 239 -8.58 18.87 -12.71
C GLU A 239 -8.46 18.66 -11.21
N VAL A 240 -9.42 19.15 -10.43
CA VAL A 240 -9.43 18.88 -8.99
C VAL A 240 -9.61 17.39 -8.74
N MET A 241 -10.50 16.75 -9.52
CA MET A 241 -10.69 15.30 -9.38
C MET A 241 -9.38 14.57 -9.59
N LYS A 242 -8.68 14.88 -10.70
CA LYS A 242 -7.39 14.23 -10.93
C LYS A 242 -6.42 14.52 -9.80
N ALA A 243 -6.34 15.78 -9.36
CA ALA A 243 -5.39 16.17 -8.34
C ALA A 243 -5.59 15.35 -7.07
N ILE A 244 -6.84 15.28 -6.59
CA ILE A 244 -7.09 14.59 -5.33
C ILE A 244 -6.94 13.08 -5.48
N ASN A 245 -7.27 12.54 -6.66
CA ASN A 245 -7.13 11.09 -6.82
C ASN A 245 -5.69 10.66 -6.97
N ASP A 246 -4.82 11.54 -7.46
CA ASP A 246 -3.42 11.20 -7.69
C ASP A 246 -2.49 11.65 -6.56
N GLY A 247 -2.99 12.40 -5.57
CA GLY A 247 -2.19 12.77 -4.42
C GLY A 247 -1.73 14.20 -4.38
N PHE A 248 -2.09 15.01 -5.37
CA PHE A 248 -1.76 16.43 -5.31
C PHE A 248 -2.47 17.09 -4.13
N ARG A 249 -1.82 18.07 -3.53
CA ARG A 249 -2.32 18.73 -2.34
C ARG A 249 -2.11 20.23 -2.46
N LEU A 250 -2.92 20.97 -1.71
CA LEU A 250 -2.82 22.43 -1.73
C LEU A 250 -1.51 22.88 -1.10
N PRO A 251 -0.90 23.94 -1.62
CA PRO A 251 0.34 24.45 -1.01
C PRO A 251 0.04 25.24 0.25
N THR A 252 1.11 25.61 0.95
CA THR A 252 0.94 26.28 2.22
C THR A 252 0.40 27.70 1.99
N PRO A 253 -0.54 28.15 2.83
CA PRO A 253 -0.93 29.56 2.78
C PRO A 253 0.22 30.47 3.17
N MET A 254 0.09 31.74 2.81
CA MET A 254 1.06 32.74 3.22
C MET A 254 0.94 32.98 4.72
N ASP A 255 2.08 33.15 5.38
CA ASP A 255 2.12 33.43 6.82
C ASP A 255 1.39 32.34 7.61
N CYS A 256 1.68 31.09 7.26
CA CYS A 256 1.05 29.95 7.93
C CYS A 256 2.09 29.22 8.76
N PRO A 257 1.87 29.03 10.07
CA PRO A 257 2.83 28.27 10.87
C PRO A 257 3.03 26.88 10.30
N SER A 258 4.25 26.36 10.46
CA SER A 258 4.56 25.02 9.93
C SER A 258 3.67 23.96 10.57
N ALA A 259 3.43 24.06 11.88
CA ALA A 259 2.60 23.06 12.54
C ALA A 259 1.19 23.04 11.98
N ILE A 260 0.66 24.21 11.60
CA ILE A 260 -0.70 24.27 11.08
C ILE A 260 -0.77 23.64 9.68
N TYR A 261 0.21 23.94 8.83
CA TYR A 261 0.21 23.32 7.50
C TYR A 261 0.44 21.82 7.60
N GLN A 262 1.25 21.38 8.55
CA GLN A 262 1.44 19.95 8.76
C GLN A 262 0.15 19.29 9.23
N LEU A 263 -0.59 19.97 10.11
CA LEU A 263 -1.90 19.45 10.51
C LEU A 263 -2.83 19.35 9.30
N MET A 264 -2.82 20.36 8.44
N MET A 264 -2.85 20.38 8.46
CA MET A 264 -3.62 20.30 7.21
CA MET A 264 -3.61 20.31 7.21
C MET A 264 -3.26 19.08 6.39
C MET A 264 -3.26 19.03 6.45
N MET A 265 -1.96 18.82 6.22
CA MET A 265 -1.53 17.66 5.45
C MET A 265 -1.95 16.36 6.13
N GLN A 266 -1.94 16.33 7.47
CA GLN A 266 -2.40 15.14 8.17
C GLN A 266 -3.89 14.91 7.92
N CYS A 267 -4.68 15.98 7.89
CA CYS A 267 -6.10 15.83 7.57
C CYS A 267 -6.32 15.37 6.14
N TRP A 268 -5.34 15.59 5.25
CA TRP A 268 -5.45 15.23 3.86
C TRP A 268 -4.75 13.92 3.52
N GLN A 269 -4.55 13.05 4.50
CA GLN A 269 -3.96 11.76 4.22
C GLN A 269 -4.86 10.97 3.28
N GLN A 270 -4.25 10.34 2.28
CA GLN A 270 -5.04 9.56 1.32
C GLN A 270 -5.81 8.46 2.03
N GLU A 271 -5.15 7.74 2.94
CA GLU A 271 -5.81 6.70 3.72
C GLU A 271 -6.51 7.34 4.92
N ARG A 272 -7.83 7.20 4.98
CA ARG A 272 -8.59 7.92 6.01
C ARG A 272 -8.19 7.48 7.41
N ALA A 273 -7.71 6.24 7.57
CA ALA A 273 -7.37 5.76 8.91
C ALA A 273 -6.21 6.55 9.50
N ARG A 274 -5.31 7.06 8.66
CA ARG A 274 -4.16 7.82 9.16
C ARG A 274 -4.53 9.24 9.56
N ARG A 275 -5.69 9.74 9.17
CA ARG A 275 -6.08 11.09 9.54
C ARG A 275 -6.37 11.15 11.04
N PRO A 276 -6.09 12.29 11.68
CA PRO A 276 -6.39 12.40 13.11
C PRO A 276 -7.89 12.54 13.37
N LYS A 277 -8.30 12.13 14.56
CA LYS A 277 -9.67 12.36 15.00
C LYS A 277 -9.83 13.82 15.44
N PHE A 278 -11.10 14.26 15.48
CA PHE A 278 -11.36 15.64 15.87
C PHE A 278 -10.92 15.92 17.31
N ALA A 279 -11.01 14.92 18.19
CA ALA A 279 -10.49 15.09 19.55
C ALA A 279 -8.99 15.38 19.52
N ASP A 280 -8.25 14.62 18.70
CA ASP A 280 -6.83 14.89 18.54
C ASP A 280 -6.58 16.29 17.98
N ILE A 281 -7.39 16.70 17.02
CA ILE A 281 -7.21 18.03 16.43
C ILE A 281 -7.41 19.11 17.49
N VAL A 282 -8.45 18.97 18.32
CA VAL A 282 -8.70 19.96 19.36
C VAL A 282 -7.53 20.00 20.34
N SER A 283 -7.02 18.82 20.73
CA SER A 283 -5.90 18.80 21.68
C SER A 283 -4.66 19.44 21.07
N ILE A 284 -4.38 19.15 19.79
CA ILE A 284 -3.21 19.70 19.13
C ILE A 284 -3.29 21.22 19.05
N LEU A 285 -4.45 21.73 18.62
CA LEU A 285 -4.62 23.17 18.52
C LEU A 285 -4.54 23.83 19.91
N ASP A 286 -5.07 23.17 20.93
CA ASP A 286 -4.96 23.68 22.29
C ASP A 286 -3.50 23.80 22.70
N LYS A 287 -2.70 22.77 22.42
CA LYS A 287 -1.30 22.80 22.79
C LYS A 287 -0.58 23.93 22.08
N LEU A 288 -0.89 24.14 20.79
CA LEU A 288 -0.27 25.24 20.07
C LEU A 288 -0.68 26.59 20.65
N ILE A 289 -1.93 26.72 21.07
CA ILE A 289 -2.42 28.01 21.54
C ILE A 289 -1.82 28.34 22.91
N ARG A 290 -1.63 27.33 23.76
CA ARG A 290 -1.09 27.62 25.09
C ARG A 290 0.39 27.99 25.04
N ALA A 291 1.11 27.62 23.98
CA ALA A 291 2.50 28.01 23.76
C ALA A 291 2.60 28.71 22.42
N PRO A 292 2.14 29.96 22.33
CA PRO A 292 2.01 30.61 21.02
C PRO A 292 3.32 30.73 20.26
N ASP A 293 4.48 30.64 20.92
CA ASP A 293 5.74 30.69 20.20
C ASP A 293 5.87 29.52 19.23
N SER A 294 5.13 28.43 19.44
CA SER A 294 5.14 27.32 18.50
C SER A 294 4.55 27.71 17.14
N LEU A 295 3.88 28.86 17.06
CA LEU A 295 3.29 29.34 15.81
C LEU A 295 4.22 30.27 15.04
N LYS A 296 5.40 30.59 15.58
CA LYS A 296 6.28 31.55 14.92
C LYS A 296 6.97 30.96 13.70
N THR A 297 7.30 29.67 13.72
CA THR A 297 7.97 29.06 12.59
C THR A 297 6.97 28.83 11.48
N LEU A 298 7.21 29.48 10.33
CA LEU A 298 6.30 29.46 9.21
C LEU A 298 6.74 28.42 8.18
N ALA A 299 5.77 27.93 7.41
CA ALA A 299 6.08 27.07 6.27
C ALA A 299 6.52 27.92 5.10
N ASP A 300 7.48 27.41 4.33
CA ASP A 300 8.04 28.15 3.21
C ASP A 300 6.96 28.50 2.20
N PHE A 301 6.69 29.80 2.05
CA PHE A 301 5.66 30.28 1.13
C PHE A 301 6.32 30.66 -0.20
N ASP A 302 5.86 30.04 -1.28
CA ASP A 302 6.31 30.37 -2.63
C ASP A 302 5.12 30.87 -3.43
N PRO A 303 5.09 32.14 -3.83
CA PRO A 303 3.90 32.65 -4.55
C PRO A 303 3.68 31.99 -5.91
N ARG A 304 4.72 31.42 -6.52
CA ARG A 304 4.57 30.77 -7.81
C ARG A 304 3.98 29.37 -7.72
N VAL A 305 3.93 28.78 -6.53
CA VAL A 305 3.44 27.41 -6.36
C VAL A 305 1.93 27.45 -6.18
N SER A 306 1.22 26.66 -7.00
CA SER A 306 -0.23 26.57 -6.92
C SER A 306 -0.72 25.21 -6.44
N ILE A 307 0.08 24.16 -6.58
CA ILE A 307 -0.32 22.81 -6.17
C ILE A 307 0.95 22.03 -5.88
N ARG A 308 0.87 21.13 -4.89
CA ARG A 308 2.00 20.30 -4.50
C ARG A 308 1.93 18.96 -5.20
N LEU A 309 3.10 18.42 -5.53
CA LEU A 309 3.19 17.12 -6.15
C LEU A 309 2.77 16.04 -5.15
N PRO A 310 2.31 14.88 -5.64
CA PRO A 310 1.89 13.82 -4.73
C PRO A 310 3.01 13.42 -3.78
N SER A 311 2.63 13.11 -2.54
CA SER A 311 3.59 12.64 -1.55
C SER A 311 3.85 11.15 -1.74
N THR A 312 5.02 10.71 -1.31
CA THR A 312 5.44 9.32 -1.49
C THR A 312 5.38 8.56 -0.16
N PRO A 319 3.94 3.80 8.64
CA PRO A 319 4.16 3.98 10.08
C PRO A 319 2.86 4.08 10.86
N PHE A 320 2.31 2.93 11.27
CA PHE A 320 1.05 2.87 11.98
C PHE A 320 1.25 3.04 13.48
N ARG A 321 0.33 3.76 14.10
CA ARG A 321 0.37 4.01 15.55
C ARG A 321 -0.54 3.06 16.32
N THR A 322 -1.72 2.73 15.79
CA THR A 322 -2.64 1.83 16.45
C THR A 322 -2.87 0.59 15.57
N VAL A 323 -3.28 -0.49 16.22
CA VAL A 323 -3.63 -1.70 15.49
C VAL A 323 -4.86 -1.46 14.63
N SER A 324 -5.81 -0.65 15.12
CA SER A 324 -7.00 -0.34 14.35
C SER A 324 -6.65 0.41 13.07
N GLU A 325 -5.63 1.28 13.13
CA GLU A 325 -5.21 2.00 11.94
C GLU A 325 -4.68 1.04 10.88
N TRP A 326 -3.90 0.04 11.30
CA TRP A 326 -3.36 -0.94 10.36
C TRP A 326 -4.46 -1.84 9.82
N LEU A 327 -5.43 -2.21 10.66
CA LEU A 327 -6.51 -3.07 10.19
C LEU A 327 -7.40 -2.33 9.20
N GLU A 328 -7.73 -1.07 9.49
CA GLU A 328 -8.51 -0.28 8.54
C GLU A 328 -7.73 -0.02 7.27
N SER A 329 -6.39 -0.02 7.34
CA SER A 329 -5.60 0.13 6.12
C SER A 329 -5.92 -0.96 5.12
N ILE A 330 -6.13 -2.19 5.58
CA ILE A 330 -6.44 -3.31 4.71
C ILE A 330 -7.94 -3.64 4.73
N LYS A 331 -8.77 -2.72 5.22
CA LYS A 331 -10.22 -2.88 5.20
C LYS A 331 -10.66 -4.12 6.00
N MET A 332 -9.97 -4.38 7.10
CA MET A 332 -10.27 -5.48 7.99
C MET A 332 -10.62 -4.96 9.38
N GLN A 333 -11.14 -3.72 9.43
CA GLN A 333 -11.52 -3.11 10.71
C GLN A 333 -12.54 -3.95 11.46
N GLN A 334 -13.30 -4.80 10.76
CA GLN A 334 -14.30 -5.60 11.44
C GLN A 334 -13.70 -6.55 12.46
N TYR A 335 -12.41 -6.82 12.38
CA TYR A 335 -11.72 -7.68 13.33
C TYR A 335 -11.05 -6.90 14.45
N THR A 336 -11.12 -5.57 14.43
CA THR A 336 -10.35 -4.77 15.37
C THR A 336 -10.63 -5.19 16.82
N GLU A 337 -11.90 -5.25 17.19
CA GLU A 337 -12.25 -5.60 18.56
C GLU A 337 -11.66 -6.96 18.94
N HIS A 338 -11.66 -7.91 18.00
CA HIS A 338 -11.12 -9.23 18.29
C HIS A 338 -9.62 -9.19 18.55
N PHE A 339 -8.91 -8.24 17.93
CA PHE A 339 -7.47 -8.14 18.17
C PHE A 339 -7.18 -7.58 19.57
N MET A 340 -7.93 -6.57 19.99
CA MET A 340 -7.71 -6.01 21.32
C MET A 340 -8.10 -7.01 22.40
N ALA A 341 -9.23 -7.69 22.23
CA ALA A 341 -9.72 -8.62 23.25
C ALA A 341 -8.76 -9.78 23.48
N ALA A 342 -7.87 -10.08 22.54
CA ALA A 342 -6.90 -11.14 22.68
C ALA A 342 -5.53 -10.63 23.11
N GLY A 343 -5.44 -9.35 23.48
CA GLY A 343 -4.20 -8.78 23.98
C GLY A 343 -3.27 -8.23 22.93
N TYR A 344 -3.59 -8.37 21.64
CA TYR A 344 -2.75 -7.84 20.56
C TYR A 344 -3.11 -6.37 20.36
N THR A 345 -2.63 -5.53 21.28
CA THR A 345 -2.97 -4.11 21.29
C THR A 345 -1.87 -3.22 20.75
N ALA A 346 -0.67 -3.75 20.51
CA ALA A 346 0.44 -2.97 19.99
C ALA A 346 0.87 -3.49 18.62
N ILE A 347 1.64 -2.68 17.91
CA ILE A 347 2.09 -3.07 16.57
C ILE A 347 3.25 -4.04 16.64
N GLU A 348 4.22 -3.78 17.52
CA GLU A 348 5.34 -4.71 17.65
C GLU A 348 4.90 -6.01 18.32
N LYS A 349 3.65 -6.10 18.75
CA LYS A 349 3.08 -7.35 19.23
C LYS A 349 2.30 -8.10 18.15
N VAL A 350 1.63 -7.37 17.25
CA VAL A 350 0.97 -8.04 16.14
C VAL A 350 1.99 -8.54 15.12
N VAL A 351 3.19 -7.93 15.07
CA VAL A 351 4.21 -8.45 14.17
C VAL A 351 4.73 -9.81 14.65
N GLN A 352 4.50 -10.16 15.92
CA GLN A 352 4.90 -11.45 16.46
C GLN A 352 3.78 -12.48 16.40
N MET A 353 2.89 -12.38 15.40
CA MET A 353 1.74 -13.26 15.29
C MET A 353 1.98 -14.33 14.24
N THR A 354 1.50 -15.54 14.53
CA THR A 354 1.44 -16.63 13.56
C THR A 354 0.05 -16.67 12.93
N ASN A 355 -0.05 -17.40 11.82
CA ASN A 355 -1.34 -17.53 11.14
C ASN A 355 -2.37 -18.24 12.02
N ASP A 356 -1.93 -19.17 12.86
CA ASP A 356 -2.86 -19.83 13.77
C ASP A 356 -3.40 -18.86 14.82
N ASP A 357 -2.55 -17.95 15.31
CA ASP A 357 -3.02 -16.94 16.24
C ASP A 357 -4.08 -16.06 15.58
N ILE A 358 -3.85 -15.69 14.31
CA ILE A 358 -4.84 -14.91 13.58
C ILE A 358 -6.13 -15.70 13.46
N LYS A 359 -6.04 -16.99 13.18
CA LYS A 359 -7.22 -17.81 12.99
C LYS A 359 -8.04 -17.94 14.26
N ARG A 360 -7.38 -18.10 15.41
CA ARG A 360 -8.13 -18.38 16.64
C ARG A 360 -8.85 -17.15 17.19
N ILE A 361 -8.33 -15.94 16.95
CA ILE A 361 -8.97 -14.75 17.50
C ILE A 361 -10.26 -14.46 16.73
N GLY A 362 -10.52 -15.24 15.68
CA GLY A 362 -11.81 -15.18 15.01
C GLY A 362 -11.78 -14.83 13.54
N VAL A 363 -10.63 -15.00 12.89
CA VAL A 363 -10.51 -14.76 11.45
C VAL A 363 -10.67 -16.12 10.78
N ARG A 364 -11.88 -16.39 10.28
CA ARG A 364 -12.22 -17.68 9.70
C ARG A 364 -12.13 -17.69 8.18
N LEU A 365 -12.59 -16.64 7.51
CA LEU A 365 -12.60 -16.62 6.05
C LEU A 365 -11.18 -16.74 5.51
N PRO A 366 -10.86 -17.74 4.70
CA PRO A 366 -9.49 -17.87 4.20
C PRO A 366 -8.99 -16.63 3.46
N GLY A 367 -9.86 -15.93 2.74
CA GLY A 367 -9.43 -14.72 2.06
C GLY A 367 -8.93 -13.66 3.02
N HIS A 368 -9.64 -13.47 4.13
CA HIS A 368 -9.21 -12.49 5.12
C HIS A 368 -7.91 -12.93 5.79
N GLN A 369 -7.77 -14.24 6.05
CA GLN A 369 -6.51 -14.76 6.59
C GLN A 369 -5.35 -14.44 5.64
N LYS A 370 -5.56 -14.66 4.34
CA LYS A 370 -4.49 -14.39 3.38
C LYS A 370 -4.15 -12.92 3.34
N ARG A 371 -5.18 -12.06 3.35
CA ARG A 371 -4.95 -10.62 3.31
C ARG A 371 -4.16 -10.16 4.53
N ILE A 372 -4.55 -10.64 5.72
CA ILE A 372 -3.86 -10.22 6.93
C ILE A 372 -2.44 -10.74 6.95
N ALA A 373 -2.21 -11.98 6.52
CA ALA A 373 -0.86 -12.54 6.52
C ALA A 373 0.05 -11.75 5.58
N TYR A 374 -0.43 -11.50 4.37
CA TYR A 374 0.37 -10.74 3.41
C TYR A 374 0.65 -9.33 3.92
N SER A 375 -0.31 -8.73 4.62
CA SER A 375 -0.08 -7.41 5.20
C SER A 375 0.94 -7.48 6.32
N LEU A 376 0.91 -8.56 7.12
CA LEU A 376 1.86 -8.70 8.21
C LEU A 376 3.28 -8.81 7.70
N LEU A 377 3.49 -9.45 6.55
CA LEU A 377 4.83 -9.50 5.98
C LEU A 377 5.36 -8.08 5.76
N GLY A 378 4.56 -7.22 5.13
CA GLY A 378 4.98 -5.85 4.90
C GLY A 378 5.14 -5.06 6.18
N LEU A 379 4.33 -5.37 7.19
CA LEU A 379 4.48 -4.66 8.46
C LEU A 379 5.77 -5.06 9.16
N LYS A 380 6.14 -6.34 9.09
CA LYS A 380 7.43 -6.77 9.60
C LYS A 380 8.58 -6.11 8.84
N ASP A 381 8.43 -5.96 7.52
CA ASP A 381 9.41 -5.20 6.76
C ASP A 381 9.52 -3.77 7.28
N GLN A 382 8.38 -3.13 7.56
CA GLN A 382 8.37 -1.75 8.02
C GLN A 382 9.08 -1.61 9.37
N VAL A 383 8.74 -2.48 10.33
CA VAL A 383 9.28 -2.33 11.68
C VAL A 383 10.78 -2.58 11.70
N ASN A 384 11.28 -3.46 10.83
CA ASN A 384 12.70 -3.79 10.80
C ASN A 384 13.52 -2.87 9.90
N THR A 385 12.90 -1.83 9.34
CA THR A 385 13.62 -0.91 8.47
C THR A 385 14.57 -0.04 9.29
N VAL A 386 15.78 0.13 8.78
CA VAL A 386 16.80 0.96 9.42
C VAL A 386 17.28 2.00 8.41
N GLY A 387 17.32 3.25 8.84
CA GLY A 387 17.75 4.34 7.98
C GLY A 387 18.27 5.53 8.76
N ILE A 388 19.51 5.43 9.26
CA ILE A 388 20.11 6.44 10.14
C ILE A 388 21.19 7.15 9.34
N PRO A 389 21.02 8.45 9.03
CA PRO A 389 22.08 9.17 8.31
C PRO A 389 23.26 9.45 9.23
N ILE A 390 24.46 9.28 8.67
CA ILE A 390 25.69 9.48 9.43
C ILE A 390 26.20 10.90 9.23
N GLY B 1 37.85 -18.39 -13.02
CA GLY B 1 36.95 -18.63 -14.15
C GLY B 1 36.43 -20.05 -14.18
N PRO B 2 35.46 -20.32 -15.06
CA PRO B 2 34.92 -21.68 -15.15
C PRO B 2 36.00 -22.69 -15.55
N GLY B 3 35.92 -23.87 -14.94
CA GLY B 3 36.90 -24.92 -15.21
C GLY B 3 38.17 -24.81 -14.38
N ASP B 4 38.55 -23.59 -14.00
CA ASP B 4 39.72 -23.41 -13.18
C ASP B 4 39.47 -23.92 -11.77
N PRO B 5 40.53 -24.28 -11.04
CA PRO B 5 40.34 -24.70 -9.64
C PRO B 5 39.75 -23.59 -8.80
N HIS B 6 38.87 -23.97 -7.88
CA HIS B 6 38.19 -23.03 -7.01
C HIS B 6 38.58 -23.28 -5.56
N THR B 7 38.34 -22.28 -4.71
CA THR B 7 38.66 -22.33 -3.29
C THR B 7 37.38 -22.03 -2.51
N TYR B 8 36.54 -23.05 -2.34
CA TYR B 8 35.27 -22.90 -1.65
C TYR B 8 35.28 -23.41 -0.22
N GLU B 9 36.35 -24.11 0.21
CA GLU B 9 36.41 -24.68 1.55
C GLU B 9 37.66 -24.22 2.29
N ASP B 10 38.13 -23.01 2.02
CA ASP B 10 39.24 -22.42 2.77
C ASP B 10 39.02 -20.92 2.81
N PRO B 11 38.31 -20.42 3.83
CA PRO B 11 37.91 -19.00 3.80
C PRO B 11 39.08 -18.03 3.84
N ASN B 12 40.02 -18.23 4.76
CA ASN B 12 41.13 -17.27 4.88
C ASN B 12 41.98 -17.25 3.62
N GLN B 13 42.25 -18.44 3.04
CA GLN B 13 43.03 -18.48 1.81
C GLN B 13 42.28 -17.82 0.66
N ALA B 14 40.97 -18.05 0.57
CA ALA B 14 40.18 -17.41 -0.48
C ALA B 14 40.18 -15.89 -0.32
N VAL B 15 40.11 -15.41 0.92
CA VAL B 15 40.19 -13.97 1.17
C VAL B 15 41.53 -13.43 0.72
N LEU B 16 42.62 -14.14 1.05
CA LEU B 16 43.94 -13.69 0.65
C LEU B 16 44.09 -13.65 -0.86
N LYS B 17 43.55 -14.66 -1.56
CA LYS B 17 43.85 -14.83 -2.98
C LYS B 17 42.89 -14.09 -3.91
N PHE B 18 41.62 -13.90 -3.52
CA PHE B 18 40.61 -13.42 -4.45
C PHE B 18 39.90 -12.15 -4.00
N THR B 19 40.40 -11.47 -2.97
CA THR B 19 39.85 -10.19 -2.56
C THR B 19 40.93 -9.12 -2.57
N THR B 20 40.51 -7.87 -2.75
CA THR B 20 41.39 -6.72 -2.76
C THR B 20 41.33 -6.03 -1.40
N GLU B 21 42.46 -5.93 -0.72
CA GLU B 21 42.54 -5.21 0.54
C GLU B 21 42.46 -3.71 0.25
N ILE B 22 41.43 -3.06 0.77
CA ILE B 22 41.16 -1.65 0.50
C ILE B 22 41.63 -0.82 1.68
N HIS B 23 42.27 0.31 1.39
CA HIS B 23 42.71 1.20 2.45
CA HIS B 23 42.71 1.18 2.46
C HIS B 23 41.49 1.85 3.10
N PRO B 24 41.44 1.92 4.44
CA PRO B 24 40.24 2.48 5.08
C PRO B 24 39.95 3.93 4.70
N SER B 25 40.98 4.71 4.36
CA SER B 25 40.77 6.12 4.03
C SER B 25 40.02 6.29 2.71
N CYS B 26 39.92 5.24 1.89
CA CYS B 26 39.20 5.31 0.63
C CYS B 26 37.70 5.04 0.78
N VAL B 27 37.24 4.71 1.98
CA VAL B 27 35.86 4.31 2.22
C VAL B 27 35.17 5.40 3.03
N THR B 28 33.95 5.75 2.61
CA THR B 28 33.12 6.70 3.34
C THR B 28 31.79 6.04 3.66
N ARG B 29 31.52 5.85 4.95
CA ARG B 29 30.22 5.35 5.38
C ARG B 29 29.25 6.52 5.50
N GLN B 30 28.11 6.41 4.83
CA GLN B 30 27.15 7.51 4.76
C GLN B 30 25.86 7.27 5.51
N LYS B 31 25.29 6.06 5.46
CA LYS B 31 24.07 5.86 6.22
C LYS B 31 23.86 4.39 6.51
N VAL B 32 23.21 4.10 7.64
CA VAL B 32 22.88 2.74 8.01
C VAL B 32 21.62 2.34 7.24
N ILE B 33 21.70 1.23 6.49
CA ILE B 33 20.59 0.78 5.68
C ILE B 33 20.02 -0.56 6.13
N GLY B 34 20.68 -1.26 7.03
CA GLY B 34 20.16 -2.54 7.49
C GLY B 34 21.09 -3.18 8.48
N ALA B 35 20.66 -4.32 9.00
CA ALA B 35 21.42 -5.11 9.97
C ALA B 35 21.66 -6.50 9.38
N GLY B 36 22.93 -6.86 9.24
CA GLY B 36 23.28 -8.20 8.80
C GLY B 36 23.44 -9.14 9.99
N GLU B 37 23.82 -10.37 9.68
CA GLU B 37 24.01 -11.36 10.74
C GLU B 37 25.18 -10.99 11.63
N PHE B 38 26.29 -10.56 11.03
CA PHE B 38 27.50 -10.24 11.77
C PHE B 38 27.62 -8.78 12.16
N GLY B 39 26.77 -7.90 11.65
CA GLY B 39 26.88 -6.50 11.98
C GLY B 39 26.00 -5.64 11.08
N GLU B 40 26.23 -4.33 11.19
CA GLU B 40 25.45 -3.35 10.45
C GLU B 40 25.83 -3.32 8.97
N VAL B 41 24.92 -2.81 8.15
CA VAL B 41 25.13 -2.60 6.73
C VAL B 41 24.90 -1.13 6.42
N TYR B 42 25.81 -0.54 5.64
CA TYR B 42 25.79 0.87 5.32
C TYR B 42 25.75 1.08 3.82
N LYS B 43 25.20 2.21 3.41
CA LYS B 43 25.46 2.77 2.08
C LYS B 43 26.61 3.76 2.24
N GLY B 44 27.51 3.76 1.26
CA GLY B 44 28.67 4.63 1.30
C GLY B 44 29.30 4.79 -0.06
N MET B 45 30.48 5.41 -0.05
CA MET B 45 31.25 5.65 -1.27
C MET B 45 32.64 5.03 -1.15
N LEU B 46 33.19 4.62 -2.29
CA LEU B 46 34.52 4.05 -2.37
C LEU B 46 35.33 4.78 -3.43
N LYS B 47 36.51 5.26 -3.05
CA LYS B 47 37.43 5.90 -3.98
C LYS B 47 38.34 4.83 -4.58
N THR B 48 38.32 4.72 -5.90
CA THR B 48 39.22 3.80 -6.61
C THR B 48 40.27 4.59 -7.40
N LYS B 52 40.01 7.92 -9.41
CA LYS B 52 38.85 8.33 -10.18
C LYS B 52 37.67 8.64 -9.25
N LYS B 53 36.60 9.21 -9.82
CA LYS B 53 35.39 9.53 -9.07
C LYS B 53 34.99 8.40 -8.14
N GLU B 54 34.41 8.73 -6.99
CA GLU B 54 33.96 7.72 -6.05
C GLU B 54 32.76 6.96 -6.62
N VAL B 55 32.67 5.68 -6.25
CA VAL B 55 31.60 4.81 -6.71
C VAL B 55 30.74 4.44 -5.50
N PRO B 56 29.41 4.45 -5.63
CA PRO B 56 28.57 4.03 -4.51
C PRO B 56 28.75 2.54 -4.22
N VAL B 57 28.70 2.20 -2.93
CA VAL B 57 28.94 0.83 -2.50
C VAL B 57 28.08 0.52 -1.27
N ALA B 58 27.91 -0.77 -1.02
CA ALA B 58 27.36 -1.28 0.23
C ALA B 58 28.52 -1.76 1.09
N ILE B 59 28.42 -1.49 2.39
CA ILE B 59 29.51 -1.67 3.35
C ILE B 59 28.98 -2.51 4.50
N LYS B 60 29.39 -3.77 4.57
CA LYS B 60 29.03 -4.64 5.67
C LYS B 60 30.14 -4.64 6.71
N THR B 61 29.80 -4.35 7.95
CA THR B 61 30.76 -4.28 9.04
C THR B 61 30.54 -5.41 10.03
N LEU B 62 31.61 -5.75 10.74
CA LEU B 62 31.58 -6.79 11.76
C LEU B 62 31.47 -6.15 13.14
N LYS B 63 30.47 -6.58 13.91
CA LYS B 63 30.25 -6.03 15.24
C LYS B 63 31.47 -6.26 16.11
N ALA B 64 31.69 -5.32 17.05
CA ALA B 64 32.78 -5.46 17.99
C ALA B 64 32.49 -6.60 18.97
N GLY B 65 33.55 -7.10 19.60
CA GLY B 65 33.42 -8.23 20.50
C GLY B 65 33.16 -9.55 19.83
N TYR B 66 33.55 -9.69 18.56
CA TYR B 66 33.36 -10.92 17.82
C TYR B 66 34.38 -11.97 18.25
N THR B 67 34.03 -13.23 18.01
CA THR B 67 34.97 -14.33 18.15
C THR B 67 35.72 -14.54 16.83
N GLU B 68 36.88 -15.18 16.91
CA GLU B 68 37.67 -15.42 15.71
C GLU B 68 36.91 -16.31 14.73
N LYS B 69 36.10 -17.25 15.23
CA LYS B 69 35.29 -18.08 14.36
C LYS B 69 34.29 -17.22 13.59
N GLN B 70 33.65 -16.27 14.27
CA GLN B 70 32.71 -15.37 13.60
C GLN B 70 33.42 -14.48 12.59
N ARG B 71 34.63 -14.01 12.92
CA ARG B 71 35.39 -13.19 11.99
C ARG B 71 35.71 -13.96 10.71
N VAL B 72 36.16 -15.21 10.88
CA VAL B 72 36.49 -16.03 9.72
C VAL B 72 35.24 -16.27 8.87
N ASP B 73 34.11 -16.59 9.52
CA ASP B 73 32.89 -16.83 8.77
C ASP B 73 32.44 -15.56 8.04
N PHE B 74 32.64 -14.40 8.66
CA PHE B 74 32.27 -13.14 8.04
C PHE B 74 33.08 -12.91 6.76
N LEU B 75 34.41 -12.93 6.87
CA LEU B 75 35.24 -12.63 5.71
C LEU B 75 35.22 -13.75 4.66
N GLY B 76 34.86 -14.98 5.04
CA GLY B 76 34.81 -16.04 4.05
C GLY B 76 33.81 -15.80 2.94
N GLU B 77 32.72 -15.10 3.25
CA GLU B 77 31.75 -14.75 2.21
C GLU B 77 32.42 -13.94 1.11
N ALA B 78 33.22 -12.94 1.49
CA ALA B 78 33.95 -12.16 0.49
C ALA B 78 34.98 -13.04 -0.23
N GLY B 79 35.60 -13.96 0.51
CA GLY B 79 36.52 -14.89 -0.13
C GLY B 79 35.85 -15.67 -1.26
N ILE B 80 34.59 -16.04 -1.07
CA ILE B 80 33.85 -16.74 -2.12
C ILE B 80 33.42 -15.77 -3.23
N MET B 81 32.88 -14.62 -2.83
CA MET B 81 32.35 -13.67 -3.81
CA MET B 81 32.35 -13.67 -3.81
C MET B 81 33.42 -13.20 -4.78
N GLY B 82 34.63 -12.95 -4.28
CA GLY B 82 35.70 -12.43 -5.13
C GLY B 82 36.08 -13.35 -6.26
N GLN B 83 35.68 -14.62 -6.20
CA GLN B 83 35.96 -15.55 -7.28
C GLN B 83 34.95 -15.49 -8.42
N PHE B 84 33.87 -14.73 -8.25
CA PHE B 84 32.80 -14.67 -9.24
C PHE B 84 32.83 -13.33 -9.97
N SER B 85 32.49 -13.38 -11.26
CA SER B 85 32.38 -12.16 -12.07
C SER B 85 31.23 -12.37 -13.05
N HIS B 86 30.07 -11.82 -12.73
CA HIS B 86 28.89 -11.99 -13.57
C HIS B 86 27.90 -10.87 -13.31
N HIS B 87 27.14 -10.52 -14.35
CA HIS B 87 26.19 -9.42 -14.28
C HIS B 87 25.16 -9.63 -13.18
N ASN B 88 24.78 -10.88 -12.92
CA ASN B 88 23.71 -11.20 -11.96
C ASN B 88 24.25 -11.84 -10.68
N ILE B 89 25.50 -11.56 -10.34
CA ILE B 89 26.10 -11.98 -9.08
C ILE B 89 26.68 -10.75 -8.41
N ILE B 90 26.37 -10.55 -7.13
CA ILE B 90 26.84 -9.37 -6.42
C ILE B 90 28.34 -9.24 -6.60
N ARG B 91 28.79 -8.05 -6.99
CA ARG B 91 30.20 -7.81 -7.28
C ARG B 91 30.91 -7.36 -6.02
N LEU B 92 32.06 -7.95 -5.74
CA LEU B 92 32.89 -7.56 -4.61
C LEU B 92 33.87 -6.48 -5.06
N GLU B 93 33.92 -5.38 -4.32
CA GLU B 93 34.94 -4.36 -4.49
C GLU B 93 36.20 -4.69 -3.72
N GLY B 94 36.06 -5.13 -2.48
CA GLY B 94 37.21 -5.50 -1.68
C GLY B 94 36.80 -5.73 -0.24
N VAL B 95 37.81 -5.91 0.60
CA VAL B 95 37.61 -6.14 2.03
C VAL B 95 38.57 -5.25 2.81
N ILE B 96 38.28 -5.12 4.10
CA ILE B 96 39.21 -4.53 5.06
C ILE B 96 39.38 -5.55 6.16
N SER B 97 40.57 -6.15 6.24
CA SER B 97 40.91 -7.11 7.28
C SER B 97 42.00 -6.61 8.22
N LYS B 98 42.77 -5.59 7.82
CA LYS B 98 43.87 -5.10 8.63
C LYS B 98 43.42 -4.15 9.74
N TYR B 99 42.26 -3.53 9.60
CA TYR B 99 41.81 -2.52 10.55
C TYR B 99 40.39 -2.84 11.02
N LYS B 100 40.11 -2.47 12.27
CA LYS B 100 38.77 -2.65 12.81
C LYS B 100 37.88 -1.48 12.43
N PRO B 101 36.60 -1.73 12.11
CA PRO B 101 35.95 -3.04 12.09
C PRO B 101 36.19 -3.76 10.76
N MET B 102 36.03 -5.08 10.75
CA MET B 102 36.12 -5.82 9.49
C MET B 102 35.05 -5.33 8.53
N MET B 103 35.39 -5.25 7.25
CA MET B 103 34.45 -4.71 6.27
C MET B 103 34.46 -5.54 5.00
N ILE B 104 33.27 -5.73 4.44
CA ILE B 104 33.08 -6.28 3.10
C ILE B 104 32.39 -5.20 2.27
N ILE B 105 33.01 -4.82 1.17
CA ILE B 105 32.54 -3.72 0.32
C ILE B 105 32.08 -4.31 -1.00
N THR B 106 30.82 -4.08 -1.35
CA THR B 106 30.23 -4.62 -2.56
C THR B 106 29.55 -3.50 -3.35
N GLU B 107 29.07 -3.83 -4.54
CA GLU B 107 28.29 -2.88 -5.31
C GLU B 107 26.99 -2.56 -4.57
N TYR B 108 26.51 -1.33 -4.76
CA TYR B 108 25.32 -0.85 -4.07
C TYR B 108 24.05 -1.26 -4.80
N MET B 109 23.14 -1.89 -4.07
CA MET B 109 21.86 -2.37 -4.60
C MET B 109 20.76 -1.56 -3.92
N GLU B 110 20.30 -0.50 -4.60
CA GLU B 110 19.47 0.50 -3.95
C GLU B 110 18.16 -0.07 -3.43
N ASN B 111 17.57 -1.00 -4.15
CA ASN B 111 16.24 -1.50 -3.82
C ASN B 111 16.25 -2.66 -2.84
N GLY B 112 17.43 -3.10 -2.39
CA GLY B 112 17.48 -4.07 -1.31
C GLY B 112 16.96 -5.45 -1.72
N ALA B 113 16.49 -6.18 -0.71
CA ALA B 113 16.08 -7.56 -0.91
C ALA B 113 14.84 -7.65 -1.79
N LEU B 114 14.79 -8.69 -2.62
CA LEU B 114 13.75 -8.79 -3.64
C LEU B 114 12.36 -8.99 -3.04
N ASP B 115 12.23 -9.80 -2.00
CA ASP B 115 10.90 -10.07 -1.44
C ASP B 115 10.32 -8.80 -0.79
N LYS B 116 11.12 -8.12 0.02
CA LYS B 116 10.66 -6.88 0.62
C LYS B 116 10.35 -5.83 -0.44
N PHE B 117 11.18 -5.77 -1.49
CA PHE B 117 10.96 -4.81 -2.56
C PHE B 117 9.66 -5.10 -3.31
N LEU B 118 9.40 -6.37 -3.59
CA LEU B 118 8.17 -6.74 -4.29
C LEU B 118 6.94 -6.45 -3.44
N ARG B 119 7.05 -6.64 -2.12
CA ARG B 119 5.93 -6.27 -1.26
C ARG B 119 5.74 -4.75 -1.22
N GLU B 120 6.84 -4.00 -1.30
CA GLU B 120 6.73 -2.55 -1.38
C GLU B 120 6.03 -2.12 -2.66
N LYS B 121 6.32 -2.79 -3.77
CA LYS B 121 5.77 -2.45 -5.09
C LYS B 121 4.64 -3.39 -5.50
N ASP B 122 3.79 -3.81 -4.57
CA ASP B 122 2.75 -4.78 -4.87
C ASP B 122 1.91 -4.32 -6.06
N GLY B 123 1.96 -5.09 -7.14
CA GLY B 123 1.16 -4.83 -8.32
C GLY B 123 1.65 -3.71 -9.21
N GLU B 124 2.86 -3.21 -8.99
CA GLU B 124 3.37 -2.05 -9.70
C GLU B 124 4.33 -2.39 -10.84
N PHE B 125 4.54 -3.67 -11.13
CA PHE B 125 5.41 -4.08 -12.22
C PHE B 125 4.61 -4.83 -13.27
N SER B 126 5.16 -4.87 -14.49
CA SER B 126 4.56 -5.62 -15.59
C SER B 126 5.01 -7.08 -15.52
N VAL B 127 4.24 -7.94 -16.20
CA VAL B 127 4.62 -9.34 -16.27
C VAL B 127 5.99 -9.49 -16.92
N LEU B 128 6.25 -8.72 -17.98
CA LEU B 128 7.51 -8.82 -18.69
C LEU B 128 8.67 -8.44 -17.77
N GLN B 129 8.49 -7.44 -16.92
CA GLN B 129 9.54 -7.03 -15.98
C GLN B 129 9.83 -8.13 -14.97
N LEU B 130 8.77 -8.75 -14.43
CA LEU B 130 8.97 -9.85 -13.48
C LEU B 130 9.68 -11.02 -14.14
N VAL B 131 9.29 -11.37 -15.36
CA VAL B 131 9.96 -12.46 -16.07
C VAL B 131 11.42 -12.12 -16.32
N GLY B 132 11.70 -10.84 -16.59
CA GLY B 132 13.09 -10.42 -16.76
C GLY B 132 13.89 -10.57 -15.47
N MET B 133 13.29 -10.22 -14.34
CA MET B 133 13.95 -10.46 -13.06
C MET B 133 14.29 -11.94 -12.90
N LEU B 134 13.32 -12.81 -13.20
CA LEU B 134 13.56 -14.24 -13.09
C LEU B 134 14.68 -14.69 -14.03
N ARG B 135 14.73 -14.10 -15.23
CA ARG B 135 15.81 -14.45 -16.17
C ARG B 135 17.17 -14.04 -15.62
N GLY B 136 17.26 -12.85 -15.03
CA GLY B 136 18.52 -12.44 -14.45
C GLY B 136 18.97 -13.38 -13.34
N ILE B 137 18.05 -13.75 -12.46
CA ILE B 137 18.37 -14.70 -11.39
C ILE B 137 18.85 -16.02 -12.00
N ALA B 138 18.13 -16.50 -13.03
CA ALA B 138 18.49 -17.77 -13.64
C ALA B 138 19.86 -17.70 -14.30
N ALA B 139 20.20 -16.57 -14.90
CA ALA B 139 21.53 -16.43 -15.51
C ALA B 139 22.61 -16.47 -14.44
N GLY B 140 22.39 -15.78 -13.33
CA GLY B 140 23.35 -15.85 -12.24
C GLY B 140 23.52 -17.26 -11.72
N MET B 141 22.41 -17.99 -11.55
CA MET B 141 22.50 -19.37 -11.07
C MET B 141 23.15 -20.28 -12.09
N LYS B 142 22.95 -20.03 -13.38
CA LYS B 142 23.64 -20.79 -14.42
C LYS B 142 25.15 -20.58 -14.32
N TYR B 143 25.57 -19.33 -14.12
CA TYR B 143 26.99 -19.06 -13.92
C TYR B 143 27.51 -19.83 -12.71
N LEU B 144 26.80 -19.76 -11.59
CA LEU B 144 27.25 -20.45 -10.38
C LEU B 144 27.35 -21.96 -10.61
N ALA B 145 26.34 -22.55 -11.26
CA ALA B 145 26.38 -23.98 -11.53
C ALA B 145 27.57 -24.34 -12.42
N ASN B 146 27.88 -23.48 -13.39
CA ASN B 146 29.05 -23.72 -14.22
C ASN B 146 30.34 -23.57 -13.44
N MET B 147 30.33 -22.82 -12.33
CA MET B 147 31.47 -22.70 -11.44
C MET B 147 31.48 -23.80 -10.37
N ASN B 148 30.58 -24.77 -10.47
CA ASN B 148 30.50 -25.87 -9.50
C ASN B 148 30.28 -25.35 -8.09
N TYR B 149 29.49 -24.28 -7.97
CA TYR B 149 29.10 -23.73 -6.68
C TYR B 149 27.62 -23.98 -6.46
N VAL B 150 27.28 -24.69 -5.39
CA VAL B 150 25.90 -24.93 -4.99
C VAL B 150 25.55 -23.92 -3.91
N HIS B 151 24.49 -23.14 -4.14
CA HIS B 151 24.16 -22.05 -3.22
C HIS B 151 23.52 -22.58 -1.94
N ARG B 152 22.55 -23.49 -2.07
CA ARG B 152 21.90 -24.15 -0.94
C ARG B 152 20.92 -23.25 -0.20
N ASP B 153 20.90 -21.95 -0.52
CA ASP B 153 20.04 -21.01 0.20
C ASP B 153 19.43 -20.00 -0.76
N LEU B 154 19.03 -20.46 -1.94
CA LEU B 154 18.43 -19.58 -2.94
C LEU B 154 17.02 -19.20 -2.51
N ALA B 155 16.77 -17.90 -2.37
CA ALA B 155 15.46 -17.40 -1.96
C ALA B 155 15.40 -15.92 -2.27
N ALA B 156 14.17 -15.42 -2.43
CA ALA B 156 14.00 -14.01 -2.79
C ALA B 156 14.67 -13.08 -1.78
N ARG B 157 14.67 -13.46 -0.50
CA ARG B 157 15.31 -12.62 0.51
C ARG B 157 16.81 -12.51 0.30
N ASN B 158 17.41 -13.45 -0.44
CA ASN B 158 18.84 -13.42 -0.72
C ASN B 158 19.15 -12.94 -2.14
N ILE B 159 18.19 -12.31 -2.80
CA ILE B 159 18.37 -11.69 -4.10
CA ILE B 159 18.39 -11.69 -4.10
C ILE B 159 18.28 -10.18 -3.91
N LEU B 160 19.27 -9.45 -4.41
CA LEU B 160 19.31 -8.01 -4.28
C LEU B 160 18.97 -7.33 -5.60
N VAL B 161 18.37 -6.14 -5.51
CA VAL B 161 17.90 -5.40 -6.67
C VAL B 161 18.48 -3.99 -6.62
N ASN B 162 19.05 -3.53 -7.74
CA ASN B 162 19.63 -2.20 -7.82
C ASN B 162 18.63 -1.23 -8.44
N SER B 163 19.08 0.02 -8.62
CA SER B 163 18.20 1.07 -9.12
C SER B 163 17.77 0.82 -10.57
N ASN B 164 18.48 -0.04 -11.30
CA ASN B 164 18.11 -0.39 -12.67
C ASN B 164 17.28 -1.67 -12.73
N LEU B 165 16.78 -2.14 -11.59
CA LEU B 165 15.93 -3.33 -11.48
C LEU B 165 16.66 -4.62 -11.86
N VAL B 166 17.98 -4.61 -11.80
CA VAL B 166 18.76 -5.82 -12.05
C VAL B 166 18.83 -6.65 -10.78
N CYS B 167 18.50 -7.93 -10.89
CA CYS B 167 18.50 -8.84 -9.75
C CYS B 167 19.80 -9.65 -9.73
N LYS B 168 20.44 -9.70 -8.57
CA LYS B 168 21.72 -10.38 -8.42
C LYS B 168 21.67 -11.30 -7.22
N VAL B 169 22.27 -12.48 -7.36
CA VAL B 169 22.31 -13.46 -6.29
C VAL B 169 23.35 -13.02 -5.26
N SER B 170 22.99 -13.16 -3.98
CA SER B 170 23.90 -12.79 -2.90
CA SER B 170 23.87 -12.77 -2.88
C SER B 170 23.90 -13.88 -1.83
N ASP B 171 24.44 -13.54 -0.65
CA ASP B 171 24.49 -14.48 0.46
C ASP B 171 25.29 -15.73 0.10
N PHE B 172 26.60 -15.64 0.24
CA PHE B 172 27.50 -16.75 -0.06
C PHE B 172 28.25 -17.16 1.20
N GLY B 173 28.83 -18.35 1.15
CA GLY B 173 29.54 -18.90 2.29
C GLY B 173 29.41 -20.41 2.38
N PRO B 194 15.93 -23.93 6.04
CA PRO B 194 14.76 -23.29 5.44
C PRO B 194 13.99 -24.25 4.55
N ILE B 195 13.08 -25.02 5.15
CA ILE B 195 12.48 -26.15 4.45
C ILE B 195 11.62 -25.69 3.28
N ARG B 196 10.99 -24.51 3.39
CA ARG B 196 10.07 -24.06 2.35
C ARG B 196 10.76 -23.76 1.03
N TRP B 197 12.09 -23.67 1.00
CA TRP B 197 12.83 -23.41 -0.22
C TRP B 197 13.74 -24.57 -0.64
N THR B 198 13.79 -25.64 0.14
CA THR B 198 14.78 -26.70 -0.07
C THR B 198 14.12 -27.92 -0.68
N ALA B 199 14.81 -28.53 -1.65
CA ALA B 199 14.29 -29.71 -2.32
C ALA B 199 14.15 -30.87 -1.34
N PRO B 200 13.26 -31.83 -1.64
CA PRO B 200 13.06 -32.94 -0.68
C PRO B 200 14.30 -33.75 -0.38
N GLU B 201 15.06 -34.14 -1.41
CA GLU B 201 16.24 -34.97 -1.19
C GLU B 201 17.32 -34.24 -0.40
N ALA B 202 17.32 -32.90 -0.44
CA ALA B 202 18.28 -32.14 0.34
C ALA B 202 17.87 -32.04 1.80
N ILE B 203 16.57 -32.11 2.09
CA ILE B 203 16.13 -32.13 3.48
C ILE B 203 16.34 -33.51 4.08
N SER B 204 15.90 -34.57 3.37
CA SER B 204 15.99 -35.91 3.91
CA SER B 204 15.99 -35.91 3.91
C SER B 204 17.44 -36.39 3.99
N TYR B 205 18.16 -36.33 2.87
CA TYR B 205 19.49 -36.91 2.77
C TYR B 205 20.61 -35.88 2.76
N ARG B 206 20.29 -34.59 2.87
CA ARG B 206 21.30 -33.53 2.81
C ARG B 206 22.07 -33.60 1.49
N LYS B 207 21.36 -33.98 0.42
CA LYS B 207 21.93 -34.07 -0.92
C LYS B 207 21.73 -32.73 -1.60
N PHE B 208 22.74 -31.85 -1.47
CA PHE B 208 22.69 -30.52 -2.06
C PHE B 208 23.42 -30.53 -3.39
N THR B 209 22.69 -30.27 -4.47
CA THR B 209 23.24 -30.17 -5.81
C THR B 209 22.65 -28.95 -6.48
N SER B 210 23.04 -28.71 -7.74
CA SER B 210 22.42 -27.66 -8.52
C SER B 210 20.95 -27.94 -8.80
N ALA B 211 20.53 -29.21 -8.78
CA ALA B 211 19.12 -29.52 -9.00
C ALA B 211 18.27 -29.09 -7.81
N SER B 212 18.79 -29.23 -6.59
CA SER B 212 18.07 -28.67 -5.44
C SER B 212 18.02 -27.15 -5.52
N ASP B 213 19.07 -26.52 -6.06
CA ASP B 213 19.01 -25.10 -6.34
C ASP B 213 17.92 -24.77 -7.36
N VAL B 214 17.70 -25.65 -8.33
CA VAL B 214 16.63 -25.44 -9.31
C VAL B 214 15.27 -25.51 -8.63
N TRP B 215 15.09 -26.44 -7.70
CA TRP B 215 13.88 -26.46 -6.88
C TRP B 215 13.69 -25.12 -6.19
N SER B 216 14.74 -24.64 -5.51
CA SER B 216 14.68 -23.35 -4.84
C SER B 216 14.31 -22.23 -5.83
N PHE B 217 14.82 -22.32 -7.05
CA PHE B 217 14.51 -21.30 -8.05
C PHE B 217 13.04 -21.31 -8.42
N GLY B 218 12.46 -22.50 -8.53
CA GLY B 218 11.01 -22.57 -8.72
C GLY B 218 10.26 -21.87 -7.61
N ILE B 219 10.70 -22.08 -6.37
CA ILE B 219 10.06 -21.38 -5.25
C ILE B 219 10.24 -19.87 -5.41
N VAL B 220 11.40 -19.44 -5.89
CA VAL B 220 11.65 -18.02 -6.10
C VAL B 220 10.72 -17.47 -7.18
N MET B 221 10.48 -18.25 -8.23
CA MET B 221 9.52 -17.84 -9.25
C MET B 221 8.15 -17.60 -8.63
N TRP B 222 7.71 -18.52 -7.78
CA TRP B 222 6.44 -18.31 -7.08
C TRP B 222 6.48 -17.02 -6.26
N GLU B 223 7.59 -16.78 -5.54
CA GLU B 223 7.70 -15.57 -4.74
C GLU B 223 7.57 -14.31 -5.60
N VAL B 224 8.19 -14.34 -6.78
CA VAL B 224 8.19 -13.15 -7.64
C VAL B 224 6.80 -12.89 -8.20
N MET B 225 6.14 -13.94 -8.70
CA MET B 225 4.84 -13.72 -9.34
C MET B 225 3.75 -13.39 -8.33
N THR B 226 3.94 -13.69 -7.04
CA THR B 226 2.98 -13.32 -6.01
C THR B 226 3.35 -12.01 -5.32
N TYR B 227 4.40 -11.33 -5.77
CA TYR B 227 4.86 -10.08 -5.15
C TYR B 227 5.24 -10.30 -3.67
N GLY B 228 6.02 -11.36 -3.43
CA GLY B 228 6.58 -11.56 -2.11
C GLY B 228 5.67 -12.23 -1.12
N GLU B 229 4.75 -13.06 -1.59
CA GLU B 229 3.93 -13.86 -0.68
C GLU B 229 4.78 -14.99 -0.12
N ARG B 230 4.54 -15.35 1.13
CA ARG B 230 5.33 -16.39 1.79
C ARG B 230 4.90 -17.76 1.31
N PRO B 231 5.82 -18.59 0.81
CA PRO B 231 5.42 -19.93 0.33
C PRO B 231 4.85 -20.78 1.46
N TYR B 232 3.78 -21.51 1.13
CA TYR B 232 3.13 -22.41 2.09
C TYR B 232 2.74 -21.68 3.36
N TRP B 233 2.38 -20.41 3.25
CA TRP B 233 2.14 -19.61 4.45
C TRP B 233 1.01 -20.17 5.30
N GLU B 234 0.09 -20.93 4.70
CA GLU B 234 -1.01 -21.53 5.46
C GLU B 234 -0.57 -22.72 6.29
N LEU B 235 0.61 -23.27 6.04
CA LEU B 235 1.00 -24.57 6.58
C LEU B 235 2.08 -24.45 7.64
N SER B 236 2.04 -25.38 8.59
CA SER B 236 3.12 -25.56 9.54
C SER B 236 4.27 -26.32 8.88
N ASN B 237 5.41 -26.36 9.58
CA ASN B 237 6.58 -27.01 9.01
C ASN B 237 6.33 -28.49 8.73
N HIS B 238 5.63 -29.17 9.64
CA HIS B 238 5.32 -30.58 9.43
C HIS B 238 4.44 -30.78 8.19
N GLU B 239 3.45 -29.91 8.02
CA GLU B 239 2.58 -29.99 6.85
C GLU B 239 3.35 -29.69 5.58
N VAL B 240 4.32 -28.77 5.64
CA VAL B 240 5.16 -28.51 4.47
C VAL B 240 5.99 -29.73 4.14
N MET B 241 6.53 -30.41 5.15
CA MET B 241 7.30 -31.63 4.92
C MET B 241 6.44 -32.66 4.20
N LYS B 242 5.23 -32.90 4.71
CA LYS B 242 4.35 -33.85 4.04
C LYS B 242 4.07 -33.42 2.61
N ALA B 243 3.78 -32.13 2.41
CA ALA B 243 3.44 -31.65 1.07
C ALA B 243 4.56 -31.93 0.09
N ILE B 244 5.80 -31.57 0.45
CA ILE B 244 6.88 -31.71 -0.51
C ILE B 244 7.25 -33.17 -0.71
N ASN B 245 7.13 -34.00 0.34
CA ASN B 245 7.52 -35.40 0.18
C ASN B 245 6.48 -36.22 -0.57
N ASP B 246 5.20 -35.83 -0.50
CA ASP B 246 4.13 -36.61 -1.13
C ASP B 246 3.70 -36.09 -2.49
N GLY B 247 4.22 -34.93 -2.93
CA GLY B 247 3.93 -34.42 -4.26
C GLY B 247 2.99 -33.24 -4.30
N PHE B 248 2.51 -32.75 -3.17
CA PHE B 248 1.71 -31.54 -3.16
C PHE B 248 2.56 -30.36 -3.63
N ARG B 249 1.94 -29.43 -4.37
CA ARG B 249 2.66 -28.32 -4.94
C ARG B 249 1.86 -27.03 -4.79
N LEU B 250 2.56 -25.91 -4.85
CA LEU B 250 1.91 -24.62 -4.72
C LEU B 250 1.04 -24.35 -5.94
N PRO B 251 -0.11 -23.70 -5.78
CA PRO B 251 -0.96 -23.37 -6.93
C PRO B 251 -0.40 -22.18 -7.69
N THR B 252 -1.02 -21.90 -8.83
CA THR B 252 -0.53 -20.82 -9.68
C THR B 252 -0.81 -19.47 -9.04
N PRO B 253 0.13 -18.53 -9.11
CA PRO B 253 -0.18 -17.16 -8.72
C PRO B 253 -1.21 -16.53 -9.64
N MET B 254 -1.84 -15.47 -9.14
CA MET B 254 -2.81 -14.73 -9.92
C MET B 254 -2.11 -13.97 -11.05
N ASP B 255 -2.74 -13.95 -12.23
CA ASP B 255 -2.22 -13.25 -13.40
C ASP B 255 -0.80 -13.73 -13.74
N CYS B 256 -0.63 -15.05 -13.73
CA CYS B 256 0.66 -15.67 -14.01
C CYS B 256 0.61 -16.39 -15.35
N PRO B 257 1.52 -16.12 -16.28
CA PRO B 257 1.49 -16.84 -17.56
C PRO B 257 1.60 -18.35 -17.36
N SER B 258 0.94 -19.09 -18.25
CA SER B 258 0.94 -20.55 -18.14
C SER B 258 2.35 -21.12 -18.28
N ALA B 259 3.14 -20.58 -19.21
CA ALA B 259 4.49 -21.08 -19.39
C ALA B 259 5.32 -20.92 -18.13
N ILE B 260 5.09 -19.84 -17.37
CA ILE B 260 5.85 -19.59 -16.16
C ILE B 260 5.48 -20.60 -15.08
N TYR B 261 4.18 -20.86 -14.90
CA TYR B 261 3.77 -21.83 -13.90
C TYR B 261 4.21 -23.24 -14.29
N GLN B 262 4.19 -23.55 -15.59
CA GLN B 262 4.68 -24.86 -16.04
C GLN B 262 6.17 -24.99 -15.76
N LEU B 263 6.93 -23.90 -15.95
CA LEU B 263 8.34 -23.94 -15.58
C LEU B 263 8.50 -24.18 -14.09
N MET B 264 7.68 -23.51 -13.27
N MET B 264 7.71 -23.49 -13.27
CA MET B 264 7.72 -23.74 -11.83
CA MET B 264 7.70 -23.74 -11.84
C MET B 264 7.51 -25.21 -11.51
C MET B 264 7.56 -25.23 -11.57
N MET B 265 6.49 -25.83 -12.11
CA MET B 265 6.22 -27.25 -11.86
C MET B 265 7.39 -28.11 -12.32
N GLN B 266 8.04 -27.72 -13.42
CA GLN B 266 9.22 -28.47 -13.87
C GLN B 266 10.33 -28.40 -12.83
N CYS B 267 10.52 -27.23 -12.21
CA CYS B 267 11.54 -27.10 -11.18
C CYS B 267 11.22 -27.92 -9.94
N TRP B 268 9.95 -28.26 -9.71
CA TRP B 268 9.51 -28.96 -8.50
C TRP B 268 9.33 -30.45 -8.73
N GLN B 269 9.98 -31.03 -9.74
CA GLN B 269 9.89 -32.46 -9.96
C GLN B 269 10.50 -33.23 -8.79
N GLN B 270 9.80 -34.28 -8.35
CA GLN B 270 10.26 -35.07 -7.22
C GLN B 270 11.63 -35.66 -7.49
N GLU B 271 11.83 -36.22 -8.67
CA GLU B 271 13.12 -36.78 -9.07
C GLU B 271 13.98 -35.65 -9.64
N ARG B 272 15.13 -35.40 -9.02
CA ARG B 272 15.95 -34.25 -9.39
C ARG B 272 16.42 -34.33 -10.83
N ALA B 273 16.59 -35.54 -11.37
CA ALA B 273 17.08 -35.68 -12.74
C ALA B 273 16.07 -35.13 -13.75
N ARG B 274 14.79 -35.17 -13.43
CA ARG B 274 13.77 -34.67 -14.33
C ARG B 274 13.69 -33.14 -14.34
N ARG B 275 14.28 -32.48 -13.36
CA ARG B 275 14.27 -31.03 -13.33
C ARG B 275 15.19 -30.47 -14.41
N PRO B 276 14.86 -29.31 -14.97
CA PRO B 276 15.74 -28.71 -15.98
C PRO B 276 17.00 -28.13 -15.35
N LYS B 277 18.05 -28.05 -16.16
CA LYS B 277 19.27 -27.36 -15.76
C LYS B 277 19.05 -25.85 -15.86
N PHE B 278 19.90 -25.09 -15.17
CA PHE B 278 19.75 -23.63 -15.19
C PHE B 278 19.97 -23.08 -16.60
N ALA B 279 20.83 -23.70 -17.40
CA ALA B 279 20.99 -23.28 -18.79
C ALA B 279 19.67 -23.41 -19.55
N ASP B 280 18.96 -24.52 -19.33
CA ASP B 280 17.65 -24.69 -19.96
C ASP B 280 16.69 -23.61 -19.49
N ILE B 281 16.74 -23.27 -18.20
CA ILE B 281 15.84 -22.25 -17.66
C ILE B 281 16.10 -20.91 -18.32
N VAL B 282 17.39 -20.55 -18.45
CA VAL B 282 17.74 -19.27 -19.08
C VAL B 282 17.28 -19.26 -20.53
N SER B 283 17.48 -20.37 -21.25
CA SER B 283 17.04 -20.40 -22.65
C SER B 283 15.53 -20.25 -22.77
N ILE B 284 14.79 -20.94 -21.89
CA ILE B 284 13.33 -20.88 -21.93
C ILE B 284 12.84 -19.46 -21.64
N LEU B 285 13.39 -18.84 -20.59
CA LEU B 285 13.00 -17.48 -20.26
C LEU B 285 13.39 -16.51 -21.37
N ASP B 286 14.54 -16.74 -22.00
CA ASP B 286 14.95 -15.91 -23.13
C ASP B 286 13.93 -15.98 -24.26
N LYS B 287 13.50 -17.20 -24.60
CA LYS B 287 12.52 -17.35 -25.68
C LYS B 287 11.20 -16.69 -25.31
N LEU B 288 10.76 -16.84 -24.06
CA LEU B 288 9.51 -16.20 -23.66
C LEU B 288 9.61 -14.68 -23.74
N ILE B 289 10.76 -14.12 -23.36
CA ILE B 289 10.90 -12.66 -23.33
C ILE B 289 11.03 -12.10 -24.74
N ARG B 290 11.74 -12.81 -25.63
CA ARG B 290 11.91 -12.30 -26.99
C ARG B 290 10.65 -12.45 -27.83
N ALA B 291 9.72 -13.32 -27.43
CA ALA B 291 8.42 -13.46 -28.08
C ALA B 291 7.36 -13.21 -27.02
N PRO B 292 7.16 -11.95 -26.62
CA PRO B 292 6.32 -11.68 -25.44
C PRO B 292 4.89 -12.17 -25.56
N ASP B 293 4.40 -12.45 -26.77
CA ASP B 293 3.04 -12.95 -26.89
C ASP B 293 2.85 -14.28 -26.18
N SER B 294 3.93 -15.03 -25.96
CA SER B 294 3.84 -16.27 -25.23
C SER B 294 3.46 -16.08 -23.77
N LEU B 295 3.56 -14.86 -23.24
CA LEU B 295 3.21 -14.58 -21.85
C LEU B 295 1.76 -14.17 -21.68
N LYS B 296 1.00 -14.07 -22.77
CA LYS B 296 -0.38 -13.58 -22.68
C LYS B 296 -1.32 -14.62 -22.10
N THR B 297 -1.08 -15.89 -22.39
CA THR B 297 -1.93 -16.98 -21.91
C THR B 297 -1.66 -17.24 -20.44
N LEU B 298 -2.70 -17.10 -19.61
CA LEU B 298 -2.57 -17.22 -18.17
C LEU B 298 -2.97 -18.62 -17.70
N ALA B 299 -2.40 -19.02 -16.57
CA ALA B 299 -2.80 -20.26 -15.92
C ALA B 299 -4.09 -20.07 -15.15
N ASP B 300 -4.92 -21.12 -15.13
CA ASP B 300 -6.21 -21.06 -14.47
C ASP B 300 -6.04 -20.73 -12.99
N PHE B 301 -6.47 -19.52 -12.61
CA PHE B 301 -6.32 -19.06 -11.23
C PHE B 301 -7.62 -19.27 -10.48
N ASP B 302 -7.55 -19.98 -9.36
CA ASP B 302 -8.68 -20.16 -8.45
C ASP B 302 -8.29 -19.54 -7.11
N PRO B 303 -8.93 -18.46 -6.67
CA PRO B 303 -8.52 -17.83 -5.41
C PRO B 303 -8.75 -18.70 -4.18
N ARG B 304 -9.66 -19.67 -4.25
CA ARG B 304 -9.93 -20.55 -3.12
C ARG B 304 -8.90 -21.66 -2.97
N VAL B 305 -8.06 -21.89 -3.99
CA VAL B 305 -7.10 -22.99 -3.97
C VAL B 305 -5.83 -22.53 -3.28
N SER B 306 -5.37 -23.31 -2.30
CA SER B 306 -4.14 -23.03 -1.58
C SER B 306 -3.04 -24.04 -1.85
N ILE B 307 -3.38 -25.25 -2.31
CA ILE B 307 -2.40 -26.30 -2.54
C ILE B 307 -2.94 -27.25 -3.59
N ARG B 308 -2.04 -27.78 -4.41
CA ARG B 308 -2.39 -28.73 -5.47
C ARG B 308 -2.18 -30.16 -4.99
N LEU B 309 -3.04 -31.05 -5.44
CA LEU B 309 -2.89 -32.47 -5.15
C LEU B 309 -1.66 -33.02 -5.89
N PRO B 310 -1.09 -34.11 -5.40
CA PRO B 310 0.07 -34.69 -6.08
C PRO B 310 -0.25 -35.05 -7.53
N SER B 311 0.73 -34.88 -8.40
CA SER B 311 0.57 -35.25 -9.80
C SER B 311 0.79 -36.75 -9.98
N THR B 312 0.16 -37.29 -11.02
CA THR B 312 0.22 -38.72 -11.29
C THR B 312 1.14 -39.02 -12.47
N PRO B 319 6.07 -31.44 -20.51
CA PRO B 319 7.32 -30.91 -21.06
C PRO B 319 8.20 -32.02 -21.64
N PHE B 320 7.97 -32.36 -22.92
CA PHE B 320 8.69 -33.45 -23.55
C PHE B 320 10.00 -32.94 -24.13
N ARG B 321 11.08 -33.69 -23.91
CA ARG B 321 12.40 -33.35 -24.42
C ARG B 321 12.81 -34.19 -25.63
N THR B 322 12.46 -35.47 -25.63
CA THR B 322 12.82 -36.38 -26.71
C THR B 322 11.55 -36.88 -27.39
N VAL B 323 11.71 -37.36 -28.62
CA VAL B 323 10.58 -37.90 -29.36
C VAL B 323 10.03 -39.13 -28.63
N SER B 324 10.91 -39.92 -28.01
CA SER B 324 10.44 -41.08 -27.27
C SER B 324 9.59 -40.66 -26.08
N GLU B 325 9.96 -39.53 -25.45
CA GLU B 325 9.19 -39.02 -24.31
C GLU B 325 7.78 -38.62 -24.76
N TRP B 326 7.67 -37.99 -25.93
CA TRP B 326 6.35 -37.61 -26.44
C TRP B 326 5.56 -38.84 -26.88
N LEU B 327 6.24 -39.83 -27.44
CA LEU B 327 5.54 -41.02 -27.93
C LEU B 327 4.98 -41.84 -26.76
N GLU B 328 5.76 -41.98 -25.69
CA GLU B 328 5.26 -42.75 -24.54
C GLU B 328 4.04 -42.09 -23.92
N SER B 329 3.89 -40.77 -24.08
CA SER B 329 2.69 -40.09 -23.58
C SER B 329 1.44 -40.68 -24.21
N ILE B 330 1.50 -41.03 -25.49
CA ILE B 330 0.37 -41.61 -26.20
C ILE B 330 0.50 -43.13 -26.35
N LYS B 331 1.35 -43.76 -25.54
CA LYS B 331 1.54 -45.21 -25.53
C LYS B 331 2.06 -45.72 -26.88
N MET B 332 2.88 -44.92 -27.57
CA MET B 332 3.45 -45.31 -28.85
C MET B 332 4.97 -45.27 -28.86
N GLN B 333 5.60 -45.47 -27.69
CA GLN B 333 7.06 -45.41 -27.65
C GLN B 333 7.69 -46.45 -28.56
N GLN B 334 6.98 -47.54 -28.85
CA GLN B 334 7.49 -48.60 -29.71
C GLN B 334 7.73 -48.15 -31.13
N TYR B 335 7.22 -46.99 -31.53
CA TYR B 335 7.49 -46.42 -32.85
C TYR B 335 8.73 -45.53 -32.86
N THR B 336 9.43 -45.40 -31.74
CA THR B 336 10.54 -44.45 -31.64
C THR B 336 11.53 -44.66 -32.78
N GLU B 337 11.96 -45.91 -32.99
CA GLU B 337 12.94 -46.17 -34.03
C GLU B 337 12.44 -45.70 -35.39
N HIS B 338 11.16 -45.92 -35.68
CA HIS B 338 10.62 -45.51 -36.97
C HIS B 338 10.68 -44.00 -37.12
N PHE B 339 10.58 -43.27 -36.01
CA PHE B 339 10.74 -41.82 -36.06
C PHE B 339 12.21 -41.46 -36.23
N MET B 340 13.11 -42.20 -35.57
CA MET B 340 14.53 -41.88 -35.67
C MET B 340 15.05 -42.13 -37.07
N ALA B 341 14.69 -43.26 -37.68
CA ALA B 341 15.19 -43.60 -39.00
C ALA B 341 14.74 -42.62 -40.07
N ALA B 342 13.68 -41.86 -39.83
CA ALA B 342 13.18 -40.89 -40.79
C ALA B 342 13.61 -39.47 -40.50
N GLY B 343 14.53 -39.27 -39.56
CA GLY B 343 15.05 -37.96 -39.27
C GLY B 343 14.24 -37.15 -38.28
N TYR B 344 13.11 -37.66 -37.80
CA TYR B 344 12.27 -36.96 -36.84
C TYR B 344 12.81 -37.22 -35.43
N THR B 345 13.92 -36.54 -35.12
CA THR B 345 14.61 -36.72 -33.85
C THR B 345 14.34 -35.58 -32.87
N ALA B 346 13.70 -34.50 -33.32
CA ALA B 346 13.42 -33.35 -32.48
C ALA B 346 11.90 -33.16 -32.35
N ILE B 347 11.53 -32.36 -31.35
CA ILE B 347 10.11 -32.13 -31.09
C ILE B 347 9.54 -31.11 -32.08
N GLU B 348 10.29 -30.05 -32.37
CA GLU B 348 9.84 -29.07 -33.34
C GLU B 348 9.91 -29.57 -34.78
N LYS B 349 10.42 -30.78 -35.01
CA LYS B 349 10.39 -31.37 -36.34
C LYS B 349 9.19 -32.27 -36.57
N VAL B 350 8.72 -32.95 -35.52
CA VAL B 350 7.52 -33.77 -35.67
C VAL B 350 6.27 -32.92 -35.81
N VAL B 351 6.29 -31.68 -35.32
CA VAL B 351 5.14 -30.80 -35.49
C VAL B 351 4.96 -30.38 -36.94
N GLN B 352 6.00 -30.51 -37.77
CA GLN B 352 5.92 -30.20 -39.19
C GLN B 352 5.56 -31.41 -40.04
N MET B 353 4.78 -32.35 -39.49
CA MET B 353 4.44 -33.59 -40.18
C MET B 353 3.05 -33.50 -40.77
N THR B 354 2.91 -34.02 -41.98
CA THR B 354 1.61 -34.23 -42.61
C THR B 354 1.18 -35.67 -42.38
N ASN B 355 -0.08 -35.96 -42.68
CA ASN B 355 -0.56 -37.33 -42.52
C ASN B 355 0.21 -38.27 -43.44
N ASP B 356 0.65 -37.78 -44.60
CA ASP B 356 1.48 -38.58 -45.47
C ASP B 356 2.83 -38.87 -44.84
N ASP B 357 3.39 -37.90 -44.10
CA ASP B 357 4.63 -38.15 -43.39
C ASP B 357 4.44 -39.24 -42.32
N ILE B 358 3.31 -39.20 -41.60
CA ILE B 358 3.05 -40.22 -40.60
C ILE B 358 2.96 -41.59 -41.24
N LYS B 359 2.25 -41.69 -42.37
CA LYS B 359 2.16 -42.98 -43.06
C LYS B 359 3.52 -43.39 -43.62
N ARG B 360 4.33 -42.42 -44.05
CA ARG B 360 5.58 -42.72 -44.74
C ARG B 360 6.61 -43.34 -43.81
N ILE B 361 6.62 -42.95 -42.53
CA ILE B 361 7.59 -43.50 -41.59
C ILE B 361 7.19 -44.88 -41.09
N GLY B 362 6.00 -45.36 -41.43
CA GLY B 362 5.64 -46.73 -41.14
C GLY B 362 4.43 -46.90 -40.23
N VAL B 363 3.62 -45.86 -40.11
CA VAL B 363 2.40 -45.90 -39.30
C VAL B 363 1.25 -46.25 -40.23
N ARG B 364 0.85 -47.52 -40.22
CA ARG B 364 -0.18 -48.03 -41.11
C ARG B 364 -1.57 -48.05 -40.49
N LEU B 365 -1.67 -48.45 -39.22
CA LEU B 365 -2.97 -48.59 -38.57
C LEU B 365 -3.67 -47.24 -38.49
N PRO B 366 -4.88 -47.10 -39.03
CA PRO B 366 -5.56 -45.80 -38.95
C PRO B 366 -5.74 -45.28 -37.53
N GLY B 367 -5.98 -46.17 -36.56
CA GLY B 367 -6.12 -45.70 -35.19
C GLY B 367 -4.86 -45.01 -34.69
N HIS B 368 -3.70 -45.58 -35.01
CA HIS B 368 -2.43 -44.97 -34.59
C HIS B 368 -2.19 -43.65 -35.31
N GLN B 369 -2.52 -43.58 -36.60
CA GLN B 369 -2.41 -42.32 -37.34
C GLN B 369 -3.26 -41.26 -36.69
N LYS B 370 -4.52 -41.59 -36.35
CA LYS B 370 -5.41 -40.61 -35.74
C LYS B 370 -4.91 -40.20 -34.36
N ARG B 371 -4.39 -41.16 -33.58
CA ARG B 371 -3.87 -40.80 -32.26
C ARG B 371 -2.74 -39.79 -32.40
N ILE B 372 -1.81 -40.04 -33.32
CA ILE B 372 -0.70 -39.11 -33.51
C ILE B 372 -1.20 -37.76 -34.01
N ALA B 373 -2.15 -37.76 -34.94
CA ALA B 373 -2.66 -36.50 -35.48
C ALA B 373 -3.33 -35.67 -34.39
N TYR B 374 -4.19 -36.30 -33.59
CA TYR B 374 -4.87 -35.58 -32.53
C TYR B 374 -3.87 -35.08 -31.49
N SER B 375 -2.82 -35.85 -31.23
CA SER B 375 -1.80 -35.41 -30.27
C SER B 375 -1.00 -34.23 -30.81
N LEU B 376 -0.76 -34.18 -32.12
CA LEU B 376 0.05 -33.10 -32.67
C LEU B 376 -0.57 -31.73 -32.44
N LEU B 377 -1.90 -31.65 -32.41
CA LEU B 377 -2.56 -30.37 -32.17
C LEU B 377 -2.09 -29.75 -30.86
N GLY B 378 -2.07 -30.54 -29.78
CA GLY B 378 -1.62 -30.02 -28.51
C GLY B 378 -0.15 -29.66 -28.49
N LEU B 379 0.67 -30.43 -29.20
CA LEU B 379 2.10 -30.15 -29.28
C LEU B 379 2.37 -28.91 -30.12
#